data_1NVA
#
_entry.id   1NVA
#
_cell.length_a   41.010
_cell.length_b   68.910
_cell.length_c   137.710
_cell.angle_alpha   90.00
_cell.angle_beta   94.71
_cell.angle_gamma   90.00
#
_symmetry.space_group_name_H-M   'P 1 21 1'
#
loop_
_entity.id
_entity.type
_entity.pdbx_description
1 polymer '3-DEHYDROQUINATE SYNTHASE'
2 non-polymer 'ZINC ION'
3 non-polymer 'CHLORIDE ION'
4 non-polymer "ADENOSINE-5'-DIPHOSPHATE"
5 water water
#
_entity_poly.entity_id   1
_entity_poly.type   'polypeptide(L)'
_entity_poly.pdbx_seq_one_letter_code
;MSNPTKISILGRESIIADFGLWRNYVAKDLISDCSSTTYVLVTDTNIGSIYTPSFEEAFRKRAAEITPSPRLLIYNRPPG
EVSKSRQTKADIEDWMLSQNPPCGRDTVVIALGGGVIGDLTGFVASTYMRGVRYVQVPTTLLAMVDSSIGGKTAIDTPLG
KNLIGAIWQPTKIYIDLEFLETLPVREFINGMAEVIKTAAISSEEEFTALEENAETILKAVRREVTPGEHRFEGTEEILK
ARILASARHKAYVVSADEREGGLRNLLNWGHSIGHAIEAILTPQILHGECVAIGMVKEAELARHLGILKGVAVSRIVKCL
AAYGLPTSLKDARIRKLTAGKHCSVDQLMFNMALDKKNDGPKKKIVLLSAIGTPYETRASVVANEDIRVVLAP
;
_entity_poly.pdbx_strand_id   A,B
#
# COMPACT_ATOMS: atom_id res chain seq x y z
N PRO A 4 4.44 21.45 -25.08
CA PRO A 4 3.82 20.27 -24.46
C PRO A 4 2.57 20.67 -23.72
N THR A 5 1.62 19.74 -23.63
CA THR A 5 0.36 20.00 -22.94
C THR A 5 0.31 19.36 -21.56
N LYS A 6 0.01 20.16 -20.55
CA LYS A 6 -0.05 19.63 -19.19
C LYS A 6 -1.49 19.58 -18.69
N ILE A 7 -1.84 18.44 -18.11
CA ILE A 7 -3.17 18.25 -17.57
C ILE A 7 -2.99 17.95 -16.10
N SER A 8 -3.37 18.92 -15.28
CA SER A 8 -3.26 18.78 -13.83
C SER A 8 -4.23 17.69 -13.37
N ILE A 9 -3.83 16.93 -12.35
CA ILE A 9 -4.65 15.88 -11.77
C ILE A 9 -4.51 15.86 -10.25
N LEU A 10 -5.65 15.96 -9.56
CA LEU A 10 -5.72 15.94 -8.10
C LEU A 10 -5.07 17.16 -7.44
N GLY A 11 -5.10 18.30 -8.12
CA GLY A 11 -4.48 19.48 -7.57
C GLY A 11 -2.99 19.55 -7.84
N ARG A 12 -2.53 18.82 -8.87
CA ARG A 12 -1.11 18.80 -9.23
C ARG A 12 -0.83 18.45 -10.69
N GLU A 13 0.27 18.99 -11.22
CA GLU A 13 0.70 18.85 -12.63
C GLU A 13 0.97 17.50 -13.29
N SER A 14 0.94 16.42 -12.52
CA SER A 14 1.19 15.06 -13.05
C SER A 14 1.36 14.72 -14.56
N ILE A 15 0.40 15.10 -15.43
CA ILE A 15 0.46 14.76 -16.87
C ILE A 15 1.20 15.70 -17.83
N ILE A 16 2.07 15.13 -18.65
CA ILE A 16 2.83 15.86 -19.66
C ILE A 16 2.57 15.10 -20.96
N ALA A 17 1.87 15.73 -21.90
CA ALA A 17 1.53 15.06 -23.15
C ALA A 17 1.97 15.76 -24.41
N ASP A 18 2.67 15.03 -25.27
CA ASP A 18 3.16 15.58 -26.53
C ASP A 18 3.89 14.48 -27.30
N PHE A 19 4.29 14.76 -28.54
CA PHE A 19 5.03 13.78 -29.33
C PHE A 19 6.51 13.80 -28.97
N GLY A 20 7.18 12.67 -29.10
CA GLY A 20 8.59 12.59 -28.80
C GLY A 20 9.08 12.79 -27.37
N LEU A 21 8.17 12.74 -26.40
CA LEU A 21 8.56 12.90 -25.00
C LEU A 21 9.61 11.88 -24.57
N TRP A 22 9.42 10.63 -24.96
CA TRP A 22 10.36 9.59 -24.58
C TRP A 22 11.76 9.82 -25.16
N ARG A 23 11.84 10.61 -26.22
CA ARG A 23 13.13 10.87 -26.84
C ARG A 23 13.87 12.11 -26.33
N ASN A 24 13.16 13.22 -26.20
CA ASN A 24 13.79 14.47 -25.78
C ASN A 24 13.43 15.02 -24.41
N TYR A 25 12.36 14.49 -23.79
CA TYR A 25 11.91 15.04 -22.52
C TYR A 25 12.09 14.19 -21.28
N VAL A 26 11.36 13.09 -21.19
CA VAL A 26 11.42 12.22 -20.02
C VAL A 26 12.74 12.24 -19.24
N ALA A 27 13.79 11.65 -19.78
CA ALA A 27 15.08 11.61 -19.10
C ALA A 27 15.41 12.95 -18.45
N LYS A 28 15.44 13.99 -19.27
CA LYS A 28 15.74 15.33 -18.76
C LYS A 28 14.88 15.68 -17.56
N ASP A 29 13.56 15.69 -17.76
CA ASP A 29 12.60 16.03 -16.71
C ASP A 29 12.69 15.19 -15.45
N LEU A 30 13.07 13.92 -15.59
CA LEU A 30 13.20 13.05 -14.44
C LEU A 30 14.36 13.47 -13.54
N ILE A 31 15.47 13.84 -14.16
CA ILE A 31 16.66 14.26 -13.42
C ILE A 31 16.46 15.60 -12.69
N SER A 32 15.62 16.46 -13.24
CA SER A 32 15.39 17.76 -12.64
C SER A 32 14.18 17.87 -11.72
N ASP A 33 13.11 17.15 -12.04
CA ASP A 33 11.90 17.21 -11.22
C ASP A 33 11.73 16.01 -10.29
N CYS A 34 12.47 14.95 -10.56
CA CYS A 34 12.42 13.75 -9.73
C CYS A 34 13.81 13.39 -9.30
N SER A 35 14.53 14.38 -8.79
CA SER A 35 15.91 14.20 -8.34
C SER A 35 16.08 12.88 -7.61
N SER A 36 17.12 12.12 -7.98
CA SER A 36 17.38 10.84 -7.33
C SER A 36 18.70 10.23 -7.78
N THR A 37 19.12 9.18 -7.08
CA THR A 37 20.35 8.49 -7.40
C THR A 37 20.05 7.16 -8.08
N THR A 38 18.78 6.77 -8.04
CA THR A 38 18.37 5.50 -8.60
C THR A 38 17.06 5.55 -9.35
N TYR A 39 17.10 5.23 -10.64
CA TYR A 39 15.91 5.20 -11.47
C TYR A 39 15.72 3.78 -12.00
N VAL A 40 14.57 3.18 -11.73
CA VAL A 40 14.31 1.80 -12.18
C VAL A 40 13.23 1.69 -13.24
N LEU A 41 13.65 1.36 -14.46
CA LEU A 41 12.74 1.22 -15.57
C LEU A 41 12.22 -0.22 -15.63
N VAL A 42 10.92 -0.39 -15.75
CA VAL A 42 10.31 -1.71 -15.82
C VAL A 42 9.51 -1.80 -17.12
N THR A 43 9.64 -2.92 -17.83
CA THR A 43 8.95 -3.10 -19.11
C THR A 43 8.99 -4.54 -19.61
N ASP A 44 8.12 -4.87 -20.57
CA ASP A 44 8.18 -6.22 -21.09
C ASP A 44 9.17 -6.24 -22.25
N THR A 45 9.52 -7.43 -22.71
CA THR A 45 10.50 -7.57 -23.79
C THR A 45 10.03 -7.05 -25.15
N ASN A 46 8.75 -6.80 -25.29
CA ASN A 46 8.25 -6.30 -26.57
C ASN A 46 8.51 -4.81 -26.72
N ILE A 47 7.99 -4.02 -25.78
CA ILE A 47 8.14 -2.58 -25.83
C ILE A 47 9.55 -2.11 -25.47
N GLY A 48 10.25 -2.88 -24.66
CA GLY A 48 11.59 -2.49 -24.28
C GLY A 48 12.55 -2.53 -25.46
N SER A 49 12.63 -3.68 -26.12
CA SER A 49 13.53 -3.84 -27.24
C SER A 49 13.37 -2.72 -28.27
N ILE A 50 12.20 -2.09 -28.29
CA ILE A 50 11.95 -1.02 -29.23
C ILE A 50 12.33 0.34 -28.69
N TYR A 51 12.06 0.57 -27.40
CA TYR A 51 12.31 1.87 -26.79
C TYR A 51 13.36 2.06 -25.69
N THR A 52 13.83 0.99 -25.05
CA THR A 52 14.81 1.20 -23.99
C THR A 52 16.15 1.75 -24.43
N PRO A 53 16.68 1.27 -25.57
CA PRO A 53 17.97 1.75 -26.07
C PRO A 53 18.07 3.27 -26.22
N SER A 54 17.09 3.86 -26.89
CA SER A 54 17.09 5.31 -27.10
C SER A 54 17.07 6.04 -25.77
N PHE A 55 16.43 5.43 -24.78
CA PHE A 55 16.34 6.03 -23.46
C PHE A 55 17.62 5.93 -22.64
N GLU A 56 18.26 4.76 -22.67
CA GLU A 56 19.51 4.60 -21.93
C GLU A 56 20.44 5.71 -22.38
N GLU A 57 20.47 5.95 -23.69
CA GLU A 57 21.31 6.99 -24.25
C GLU A 57 20.84 8.34 -23.75
N ALA A 58 19.58 8.67 -23.99
CA ALA A 58 19.02 9.96 -23.55
C ALA A 58 19.28 10.17 -22.06
N PHE A 59 19.27 9.08 -21.30
CA PHE A 59 19.51 9.14 -19.87
C PHE A 59 20.96 9.52 -19.58
N ARG A 60 21.89 8.82 -20.23
CA ARG A 60 23.31 9.08 -20.05
C ARG A 60 23.65 10.56 -20.26
N LYS A 61 23.09 11.15 -21.32
CA LYS A 61 23.37 12.54 -21.60
C LYS A 61 22.98 13.46 -20.46
N ARG A 62 21.82 13.23 -19.85
CA ARG A 62 21.38 14.07 -18.74
C ARG A 62 22.11 13.79 -17.45
N ALA A 63 22.42 12.51 -17.21
CA ALA A 63 23.12 12.12 -16.00
C ALA A 63 24.58 12.60 -16.00
N ALA A 64 25.15 12.72 -17.19
CA ALA A 64 26.54 13.16 -17.32
C ALA A 64 26.77 14.50 -16.65
N GLU A 65 25.79 15.39 -16.76
CA GLU A 65 25.86 16.73 -16.18
C GLU A 65 25.71 16.76 -14.67
N ILE A 66 25.22 15.67 -14.10
CA ILE A 66 25.03 15.60 -12.66
C ILE A 66 26.08 14.68 -12.03
N THR A 67 26.56 15.07 -10.85
CA THR A 67 27.56 14.28 -10.16
C THR A 67 27.34 14.23 -8.65
N PRO A 68 27.44 13.03 -8.07
CA PRO A 68 27.75 11.79 -8.80
C PRO A 68 26.62 11.43 -9.77
N SER A 69 26.93 10.60 -10.76
CA SER A 69 25.94 10.21 -11.76
C SER A 69 24.87 9.23 -11.33
N PRO A 70 23.59 9.60 -11.55
CA PRO A 70 22.43 8.78 -11.20
C PRO A 70 22.46 7.53 -12.04
N ARG A 71 22.20 6.38 -11.43
CA ARG A 71 22.21 5.12 -12.15
C ARG A 71 20.83 4.76 -12.71
N LEU A 72 20.82 4.08 -13.85
CA LEU A 72 19.58 3.65 -14.48
C LEU A 72 19.54 2.13 -14.53
N LEU A 73 18.71 1.53 -13.69
CA LEU A 73 18.58 0.08 -13.64
C LEU A 73 17.37 -0.33 -14.48
N ILE A 74 17.49 -1.42 -15.23
CA ILE A 74 16.39 -1.87 -16.08
C ILE A 74 15.92 -3.29 -15.78
N TYR A 75 14.60 -3.48 -15.80
CA TYR A 75 14.01 -4.80 -15.56
C TYR A 75 13.02 -5.15 -16.68
N ASN A 76 13.24 -6.30 -17.31
CA ASN A 76 12.37 -6.72 -18.40
C ASN A 76 11.66 -8.02 -18.06
N ARG A 77 10.35 -8.03 -18.24
CA ARG A 77 9.55 -9.21 -17.93
C ARG A 77 8.85 -9.68 -19.19
N PRO A 78 8.45 -10.96 -19.24
CA PRO A 78 7.75 -11.45 -20.43
C PRO A 78 6.47 -10.67 -20.65
N PRO A 79 6.08 -10.49 -21.91
CA PRO A 79 4.83 -9.75 -22.15
C PRO A 79 3.61 -10.55 -21.68
N GLY A 80 2.44 -9.91 -21.71
CA GLY A 80 1.24 -10.59 -21.29
C GLY A 80 0.94 -10.31 -19.85
N GLU A 81 -0.30 -10.56 -19.44
CA GLU A 81 -0.71 -10.31 -18.05
C GLU A 81 -0.21 -11.39 -17.11
N VAL A 82 0.72 -12.21 -17.58
CA VAL A 82 1.30 -13.28 -16.79
C VAL A 82 2.31 -12.69 -15.79
N SER A 83 2.74 -11.46 -16.04
CA SER A 83 3.71 -10.78 -15.18
C SER A 83 3.04 -10.02 -14.04
N LYS A 84 1.73 -9.84 -14.16
CA LYS A 84 0.96 -9.13 -13.16
C LYS A 84 0.65 -10.18 -12.09
N SER A 85 1.71 -10.73 -11.50
CA SER A 85 1.58 -11.78 -10.50
C SER A 85 2.39 -11.53 -9.24
N ARG A 86 2.09 -12.26 -8.18
CA ARG A 86 2.82 -12.11 -6.92
C ARG A 86 4.29 -12.38 -7.20
N GLN A 87 4.55 -13.43 -7.98
CA GLN A 87 5.91 -13.85 -8.34
C GLN A 87 6.79 -12.77 -8.98
N THR A 88 6.30 -12.15 -10.05
CA THR A 88 7.05 -11.11 -10.74
C THR A 88 7.34 -9.93 -9.82
N LYS A 89 6.33 -9.56 -9.04
CA LYS A 89 6.50 -8.45 -8.10
C LYS A 89 7.63 -8.76 -7.10
N ALA A 90 7.60 -9.94 -6.49
CA ALA A 90 8.64 -10.30 -5.55
C ALA A 90 9.99 -10.19 -6.22
N ASP A 91 10.07 -10.71 -7.44
CA ASP A 91 11.31 -10.70 -8.22
C ASP A 91 11.89 -9.29 -8.36
N ILE A 92 11.13 -8.42 -9.01
CA ILE A 92 11.55 -7.05 -9.20
C ILE A 92 12.00 -6.48 -7.86
N GLU A 93 11.33 -6.89 -6.78
CA GLU A 93 11.68 -6.38 -5.46
C GLU A 93 13.02 -6.94 -5.01
N ASP A 94 13.21 -8.26 -5.09
CA ASP A 94 14.48 -8.82 -4.68
C ASP A 94 15.60 -8.34 -5.58
N TRP A 95 15.31 -8.21 -6.88
CA TRP A 95 16.30 -7.75 -7.82
C TRP A 95 16.76 -6.34 -7.44
N MET A 96 15.80 -5.48 -7.08
CA MET A 96 16.08 -4.11 -6.69
C MET A 96 16.87 -4.05 -5.39
N LEU A 97 16.55 -4.95 -4.47
CA LEU A 97 17.23 -5.01 -3.18
C LEU A 97 18.62 -5.63 -3.33
N SER A 98 18.81 -6.41 -4.39
CA SER A 98 20.09 -7.06 -4.67
C SER A 98 21.07 -6.15 -5.39
N GLN A 99 20.61 -4.99 -5.84
CA GLN A 99 21.50 -4.08 -6.53
C GLN A 99 22.57 -3.56 -5.56
N ASN A 100 23.64 -3.00 -6.11
CA ASN A 100 24.73 -2.47 -5.29
C ASN A 100 25.08 -1.02 -5.61
N PRO A 101 24.73 -0.09 -4.70
CA PRO A 101 24.04 -0.38 -3.44
C PRO A 101 22.58 -0.73 -3.71
N PRO A 102 21.90 -1.35 -2.74
CA PRO A 102 20.49 -1.71 -2.94
C PRO A 102 19.73 -0.45 -3.31
N CYS A 103 18.64 -0.59 -4.05
CA CYS A 103 17.83 0.57 -4.44
C CYS A 103 17.19 1.14 -3.18
N GLY A 104 17.35 2.43 -2.96
CA GLY A 104 16.79 3.03 -1.76
C GLY A 104 15.47 3.73 -1.93
N ARG A 105 14.93 4.21 -0.81
CA ARG A 105 13.66 4.92 -0.80
C ARG A 105 13.65 6.15 -1.72
N ASP A 106 14.82 6.52 -2.24
CA ASP A 106 14.89 7.66 -3.14
C ASP A 106 14.58 7.23 -4.57
N THR A 107 14.55 5.92 -4.79
CA THR A 107 14.28 5.33 -6.09
C THR A 107 13.06 5.92 -6.80
N VAL A 108 13.21 6.10 -8.11
CA VAL A 108 12.12 6.59 -8.94
C VAL A 108 11.90 5.46 -9.93
N VAL A 109 10.72 4.85 -9.88
CA VAL A 109 10.44 3.76 -10.78
C VAL A 109 9.75 4.25 -12.05
N ILE A 110 10.19 3.75 -13.20
CA ILE A 110 9.63 4.16 -14.49
C ILE A 110 8.78 3.01 -15.02
N ALA A 111 7.47 3.19 -15.07
CA ALA A 111 6.58 2.15 -15.59
C ALA A 111 6.40 2.33 -17.09
N LEU A 112 7.25 1.68 -17.89
CA LEU A 112 7.17 1.80 -19.34
C LEU A 112 6.41 0.65 -19.96
N GLY A 113 5.14 0.88 -20.26
CA GLY A 113 4.33 -0.17 -20.86
C GLY A 113 2.84 0.14 -20.87
N GLY A 114 2.02 -0.92 -20.92
CA GLY A 114 0.59 -0.73 -20.95
C GLY A 114 -0.07 -0.89 -19.61
N GLY A 115 -1.32 -1.33 -19.62
CA GLY A 115 -2.07 -1.53 -18.40
C GLY A 115 -1.42 -2.58 -17.54
N VAL A 116 -0.91 -3.64 -18.17
CA VAL A 116 -0.26 -4.71 -17.43
C VAL A 116 1.00 -4.21 -16.71
N ILE A 117 1.94 -3.67 -17.48
CA ILE A 117 3.16 -3.14 -16.88
C ILE A 117 2.82 -2.05 -15.89
N GLY A 118 1.79 -1.27 -16.21
CA GLY A 118 1.36 -0.17 -15.36
C GLY A 118 0.91 -0.59 -13.97
N ASP A 119 -0.07 -1.49 -13.90
CA ASP A 119 -0.59 -1.97 -12.63
C ASP A 119 0.49 -2.62 -11.77
N LEU A 120 1.31 -3.47 -12.40
CA LEU A 120 2.37 -4.19 -11.70
C LEU A 120 3.40 -3.25 -11.09
N THR A 121 3.99 -2.41 -11.93
CA THR A 121 5.01 -1.46 -11.50
C THR A 121 4.48 -0.48 -10.47
N GLY A 122 3.27 0.01 -10.71
CA GLY A 122 2.66 0.96 -9.80
C GLY A 122 2.50 0.35 -8.42
N PHE A 123 2.15 -0.92 -8.38
CA PHE A 123 1.97 -1.60 -7.12
C PHE A 123 3.32 -1.93 -6.49
N VAL A 124 4.30 -2.25 -7.32
CA VAL A 124 5.63 -2.59 -6.83
C VAL A 124 6.18 -1.39 -6.07
N ALA A 125 5.98 -0.22 -6.68
CA ALA A 125 6.44 1.03 -6.15
C ALA A 125 5.77 1.39 -4.84
N SER A 126 4.46 1.21 -4.80
CA SER A 126 3.69 1.55 -3.61
C SER A 126 4.16 0.85 -2.33
N THR A 127 4.68 -0.37 -2.46
CA THR A 127 5.11 -1.10 -1.28
C THR A 127 6.61 -1.25 -1.08
N TYR A 128 7.43 -0.87 -2.07
CA TYR A 128 8.88 -1.00 -1.92
C TYR A 128 9.38 -0.10 -0.80
N MET A 129 9.76 -0.71 0.32
CA MET A 129 10.23 0.03 1.49
C MET A 129 9.11 0.99 1.89
N ARG A 130 7.89 0.47 1.80
CA ARG A 130 6.69 1.20 2.14
C ARG A 130 6.36 2.34 1.20
N GLY A 131 6.88 2.25 -0.03
CA GLY A 131 6.60 3.26 -1.01
C GLY A 131 7.73 4.12 -1.50
N VAL A 132 7.83 4.24 -2.82
CA VAL A 132 8.83 5.04 -3.50
C VAL A 132 8.12 5.72 -4.67
N ARG A 133 8.66 6.82 -5.13
CA ARG A 133 8.07 7.54 -6.24
C ARG A 133 8.11 6.72 -7.51
N TYR A 134 7.21 7.03 -8.45
CA TYR A 134 7.21 6.35 -9.74
C TYR A 134 6.47 7.19 -10.77
N VAL A 135 6.77 6.98 -12.05
CA VAL A 135 6.11 7.73 -13.11
C VAL A 135 5.46 6.75 -14.08
N GLN A 136 4.41 7.22 -14.74
CA GLN A 136 3.70 6.41 -15.72
C GLN A 136 4.10 6.81 -17.13
N VAL A 137 4.42 5.82 -17.95
CA VAL A 137 4.81 6.06 -19.33
C VAL A 137 3.97 5.10 -20.17
N PRO A 138 2.66 5.36 -20.26
CA PRO A 138 1.69 4.56 -21.01
C PRO A 138 2.02 4.42 -22.50
N THR A 139 2.18 3.18 -22.94
CA THR A 139 2.51 2.89 -24.33
C THR A 139 1.30 2.41 -25.14
N THR A 140 0.21 2.03 -24.47
CA THR A 140 -0.99 1.61 -25.18
C THR A 140 -1.96 2.77 -25.11
N LEU A 141 -2.89 2.82 -26.06
CA LEU A 141 -3.86 3.89 -26.08
C LEU A 141 -4.73 3.79 -24.86
N LEU A 142 -5.17 2.58 -24.58
CA LEU A 142 -6.04 2.33 -23.43
C LEU A 142 -5.40 2.80 -22.13
N ALA A 143 -4.08 2.74 -22.09
CA ALA A 143 -3.34 3.16 -20.90
C ALA A 143 -3.16 4.66 -20.83
N MET A 144 -3.05 5.30 -21.98
CA MET A 144 -2.84 6.74 -22.01
C MET A 144 -4.04 7.51 -21.52
N VAL A 145 -5.23 7.07 -21.91
CA VAL A 145 -6.44 7.79 -21.53
C VAL A 145 -7.18 7.25 -20.32
N ASP A 146 -6.82 6.05 -19.86
CA ASP A 146 -7.53 5.46 -18.73
C ASP A 146 -6.66 4.84 -17.64
N SER A 147 -6.12 3.66 -17.89
CA SER A 147 -5.33 2.93 -16.89
C SER A 147 -4.21 3.69 -16.15
N SER A 148 -3.47 4.55 -16.85
CA SER A 148 -2.38 5.29 -16.20
C SER A 148 -2.83 6.48 -15.36
N ILE A 149 -4.04 6.96 -15.61
CA ILE A 149 -4.59 8.10 -14.87
C ILE A 149 -5.41 7.55 -13.71
N GLY A 150 -5.07 7.92 -12.48
CA GLY A 150 -5.87 7.44 -11.36
C GLY A 150 -5.18 6.85 -10.16
N GLY A 151 -4.03 6.22 -10.35
CA GLY A 151 -3.31 5.64 -9.23
C GLY A 151 -3.72 4.25 -8.81
N LYS A 152 -4.63 3.61 -9.54
CA LYS A 152 -5.04 2.26 -9.21
C LYS A 152 -4.00 1.26 -9.73
N THR A 153 -3.44 0.47 -8.82
CA THR A 153 -2.42 -0.51 -9.16
C THR A 153 -2.77 -1.81 -8.50
N ALA A 154 -2.27 -2.91 -9.07
CA ALA A 154 -2.50 -4.24 -8.51
C ALA A 154 -1.97 -5.35 -9.41
N ILE A 155 -1.99 -6.57 -8.88
CA ILE A 155 -1.55 -7.75 -9.60
C ILE A 155 -2.73 -8.71 -9.60
N ASP A 156 -2.60 -9.81 -10.33
CA ASP A 156 -3.66 -10.80 -10.40
C ASP A 156 -3.30 -12.05 -9.62
N THR A 157 -4.32 -12.81 -9.27
CA THR A 157 -4.16 -14.05 -8.53
C THR A 157 -5.00 -15.09 -9.27
N PRO A 158 -4.70 -16.38 -9.08
CA PRO A 158 -5.48 -17.41 -9.76
C PRO A 158 -6.97 -17.42 -9.45
N LEU A 159 -7.41 -16.51 -8.58
CA LEU A 159 -8.82 -16.42 -8.21
C LEU A 159 -9.46 -15.17 -8.78
N GLY A 160 -8.72 -14.42 -9.59
CA GLY A 160 -9.27 -13.20 -10.17
C GLY A 160 -8.28 -12.09 -10.47
N LYS A 161 -8.75 -11.08 -11.19
CA LYS A 161 -7.93 -9.93 -11.58
C LYS A 161 -8.00 -8.79 -10.58
N ASN A 162 -6.88 -8.10 -10.40
CA ASN A 162 -6.76 -6.96 -9.51
C ASN A 162 -7.25 -7.21 -8.08
N LEU A 163 -6.97 -8.40 -7.55
CA LEU A 163 -7.42 -8.75 -6.21
C LEU A 163 -6.53 -8.21 -5.08
N ILE A 164 -5.26 -8.05 -5.39
CA ILE A 164 -4.29 -7.53 -4.44
C ILE A 164 -3.54 -6.37 -5.09
N GLY A 165 -3.62 -5.19 -4.48
CA GLY A 165 -2.96 -4.02 -5.05
C GLY A 165 -3.05 -2.81 -4.16
N ALA A 166 -2.87 -1.64 -4.76
CA ALA A 166 -2.90 -0.42 -3.97
C ALA A 166 -3.20 0.82 -4.79
N ILE A 167 -3.49 1.92 -4.10
CA ILE A 167 -3.75 3.18 -4.75
C ILE A 167 -2.55 4.08 -4.45
N TRP A 168 -1.68 4.20 -5.45
CA TRP A 168 -0.44 4.94 -5.38
C TRP A 168 -0.32 5.87 -6.60
N GLN A 169 -0.57 7.16 -6.40
CA GLN A 169 -0.50 8.14 -7.49
C GLN A 169 0.89 8.29 -8.07
N PRO A 170 1.02 8.23 -9.40
CA PRO A 170 2.33 8.37 -10.05
C PRO A 170 2.76 9.84 -9.95
N THR A 171 4.05 10.09 -9.84
CA THR A 171 4.53 11.46 -9.73
C THR A 171 4.40 12.22 -11.06
N LYS A 172 4.55 11.48 -12.15
CA LYS A 172 4.46 12.06 -13.47
C LYS A 172 3.77 11.05 -14.36
N ILE A 173 3.11 11.54 -15.41
CA ILE A 173 2.46 10.68 -16.37
C ILE A 173 2.84 11.20 -17.76
N TYR A 174 3.84 10.57 -18.36
CA TYR A 174 4.31 10.97 -19.67
C TYR A 174 3.50 10.31 -20.78
N ILE A 175 2.71 11.12 -21.49
CA ILE A 175 1.91 10.62 -22.59
C ILE A 175 2.59 11.00 -23.91
N ASP A 176 3.42 10.09 -24.42
CA ASP A 176 4.13 10.33 -25.68
C ASP A 176 3.35 9.66 -26.80
N LEU A 177 2.61 10.44 -27.57
CA LEU A 177 1.81 9.88 -28.64
C LEU A 177 2.58 9.08 -29.68
N GLU A 178 3.91 9.16 -29.66
CA GLU A 178 4.73 8.42 -30.60
C GLU A 178 4.69 6.91 -30.34
N PHE A 179 4.29 6.52 -29.14
CA PHE A 179 4.21 5.11 -28.81
C PHE A 179 3.13 4.46 -29.64
N LEU A 180 2.20 5.28 -30.12
CA LEU A 180 1.09 4.78 -30.92
C LEU A 180 1.50 4.45 -32.35
N GLU A 181 2.76 4.70 -32.69
CA GLU A 181 3.25 4.42 -34.04
C GLU A 181 3.56 2.95 -34.20
N THR A 182 3.92 2.30 -33.10
CA THR A 182 4.29 0.89 -33.12
C THR A 182 3.26 -0.01 -32.44
N LEU A 183 2.30 0.59 -31.75
CA LEU A 183 1.25 -0.17 -31.07
C LEU A 183 0.47 -0.96 -32.11
N PRO A 184 0.29 -2.27 -31.89
CA PRO A 184 -0.45 -3.10 -32.84
C PRO A 184 -1.83 -2.51 -33.14
N VAL A 185 -2.25 -2.58 -34.39
CA VAL A 185 -3.54 -2.03 -34.77
C VAL A 185 -4.67 -2.45 -33.83
N ARG A 186 -4.77 -3.75 -33.56
CA ARG A 186 -5.84 -4.22 -32.69
C ARG A 186 -5.86 -3.48 -31.36
N GLU A 187 -4.68 -3.33 -30.75
CA GLU A 187 -4.58 -2.64 -29.47
C GLU A 187 -5.04 -1.18 -29.56
N PHE A 188 -4.66 -0.49 -30.63
CA PHE A 188 -5.06 0.90 -30.80
C PHE A 188 -6.59 0.95 -30.82
N ILE A 189 -7.21 0.11 -31.65
CA ILE A 189 -8.67 0.06 -31.75
C ILE A 189 -9.32 -0.25 -30.41
N ASN A 190 -8.68 -1.13 -29.65
CA ASN A 190 -9.16 -1.52 -28.33
C ASN A 190 -9.31 -0.30 -27.43
N GLY A 191 -8.26 0.52 -27.38
CA GLY A 191 -8.28 1.71 -26.55
C GLY A 191 -9.33 2.70 -26.98
N MET A 192 -9.54 2.82 -28.29
CA MET A 192 -10.52 3.75 -28.81
C MET A 192 -11.89 3.63 -28.18
N ALA A 193 -12.21 2.45 -27.66
CA ALA A 193 -13.50 2.23 -27.03
C ALA A 193 -13.72 3.19 -25.88
N GLU A 194 -12.74 3.27 -24.99
CA GLU A 194 -12.83 4.15 -23.83
C GLU A 194 -12.88 5.62 -24.20
N VAL A 195 -12.17 6.00 -25.27
CA VAL A 195 -12.16 7.38 -25.72
C VAL A 195 -13.57 7.78 -26.15
N ILE A 196 -14.18 6.93 -26.96
CA ILE A 196 -15.54 7.18 -27.44
C ILE A 196 -16.49 7.16 -26.25
N LYS A 197 -16.22 6.32 -25.26
CA LYS A 197 -17.05 6.21 -24.06
C LYS A 197 -17.03 7.54 -23.32
N THR A 198 -15.82 8.05 -23.11
CA THR A 198 -15.62 9.31 -22.42
C THR A 198 -16.42 10.43 -23.05
N ALA A 199 -16.28 10.58 -24.36
CA ALA A 199 -16.99 11.62 -25.08
C ALA A 199 -18.51 11.47 -24.91
N ALA A 200 -19.01 10.27 -25.22
CA ALA A 200 -20.42 9.96 -25.12
C ALA A 200 -21.07 10.30 -23.78
N ILE A 201 -20.27 10.44 -22.73
CA ILE A 201 -20.83 10.76 -21.40
C ILE A 201 -20.49 12.17 -20.95
N SER A 202 -19.89 12.96 -21.82
CA SER A 202 -19.51 14.30 -21.42
C SER A 202 -19.65 15.40 -22.47
N SER A 203 -19.36 15.09 -23.72
CA SER A 203 -19.45 16.12 -24.75
C SER A 203 -19.93 15.64 -26.11
N GLU A 204 -21.00 16.25 -26.57
CA GLU A 204 -21.58 15.91 -27.86
C GLU A 204 -20.60 16.34 -28.94
N GLU A 205 -20.13 17.58 -28.82
CA GLU A 205 -19.20 18.17 -29.78
C GLU A 205 -17.94 17.30 -29.93
N GLU A 206 -17.48 16.75 -28.82
CA GLU A 206 -16.29 15.90 -28.83
C GLU A 206 -16.61 14.56 -29.50
N PHE A 207 -17.83 14.07 -29.29
CA PHE A 207 -18.24 12.81 -29.89
C PHE A 207 -18.39 13.00 -31.39
N THR A 208 -18.71 14.22 -31.80
CA THR A 208 -18.87 14.53 -33.21
C THR A 208 -17.49 14.63 -33.85
N ALA A 209 -16.52 15.10 -33.09
CA ALA A 209 -15.13 15.21 -33.58
C ALA A 209 -14.60 13.82 -33.86
N LEU A 210 -14.96 12.89 -32.99
CA LEU A 210 -14.55 11.51 -33.10
C LEU A 210 -15.22 10.90 -34.32
N GLU A 211 -16.47 11.30 -34.57
CA GLU A 211 -17.21 10.77 -35.71
C GLU A 211 -16.53 11.23 -37.00
N GLU A 212 -16.15 12.50 -37.04
CA GLU A 212 -15.49 13.07 -38.20
C GLU A 212 -14.13 12.43 -38.46
N ASN A 213 -13.24 12.52 -37.47
CA ASN A 213 -11.89 12.00 -37.57
C ASN A 213 -11.71 10.48 -37.77
N ALA A 214 -12.72 9.70 -37.41
CA ALA A 214 -12.64 8.24 -37.56
C ALA A 214 -11.91 7.75 -38.80
N GLU A 215 -12.43 8.07 -39.98
CA GLU A 215 -11.81 7.62 -41.22
C GLU A 215 -10.33 7.95 -41.28
N THR A 216 -9.99 9.20 -40.98
CA THR A 216 -8.60 9.62 -41.02
C THR A 216 -7.72 8.82 -40.07
N ILE A 217 -8.05 8.85 -38.79
CA ILE A 217 -7.29 8.13 -37.77
C ILE A 217 -7.04 6.69 -38.26
N LEU A 218 -8.12 5.99 -38.57
CA LEU A 218 -8.01 4.60 -39.00
C LEU A 218 -7.14 4.40 -40.24
N LYS A 219 -7.03 5.42 -41.08
CA LYS A 219 -6.20 5.32 -42.27
C LYS A 219 -4.74 5.25 -41.84
N ALA A 220 -4.36 6.14 -40.94
CA ALA A 220 -2.99 6.18 -40.45
C ALA A 220 -2.69 4.93 -39.62
N VAL A 221 -3.66 4.51 -38.82
CA VAL A 221 -3.48 3.34 -37.98
C VAL A 221 -3.26 2.03 -38.76
N ARG A 222 -3.69 2.01 -40.01
CA ARG A 222 -3.53 0.81 -40.83
C ARG A 222 -2.46 0.95 -41.91
N ARG A 223 -2.35 2.13 -42.51
CA ARG A 223 -1.36 2.37 -43.57
C ARG A 223 0.04 1.93 -43.15
N GLU A 224 0.75 1.25 -44.05
CA GLU A 224 2.11 0.82 -43.76
C GLU A 224 2.98 2.06 -43.82
N VAL A 225 3.80 2.26 -42.80
CA VAL A 225 4.67 3.43 -42.76
C VAL A 225 6.13 3.08 -43.06
N THR A 226 6.63 3.58 -44.19
CA THR A 226 8.01 3.33 -44.58
C THR A 226 8.95 3.96 -43.57
N PRO A 227 10.03 3.25 -43.20
CA PRO A 227 10.97 3.80 -42.23
C PRO A 227 11.40 5.22 -42.59
N GLY A 228 11.49 6.08 -41.58
CA GLY A 228 11.89 7.45 -41.81
C GLY A 228 10.70 8.38 -41.96
N GLU A 229 9.56 7.97 -41.41
CA GLU A 229 8.35 8.78 -41.47
C GLU A 229 7.52 8.52 -40.23
N HIS A 230 6.56 9.38 -39.94
CA HIS A 230 5.70 9.20 -38.77
C HIS A 230 4.36 8.63 -39.19
N ARG A 231 3.92 7.58 -38.51
CA ARG A 231 2.65 6.97 -38.84
C ARG A 231 1.52 7.99 -39.01
N PHE A 232 1.50 8.98 -38.13
CA PHE A 232 0.44 9.99 -38.16
C PHE A 232 0.95 11.32 -38.72
N GLU A 233 1.61 11.24 -39.87
CA GLU A 233 2.19 12.40 -40.54
C GLU A 233 1.36 13.69 -40.47
N GLY A 234 0.26 13.74 -41.20
CA GLY A 234 -0.54 14.96 -41.20
C GLY A 234 -1.63 15.08 -40.14
N THR A 235 -2.07 13.94 -39.62
CA THR A 235 -3.13 13.89 -38.62
C THR A 235 -2.66 14.18 -37.20
N GLU A 236 -1.37 14.42 -37.03
CA GLU A 236 -0.80 14.67 -35.70
C GLU A 236 -1.66 15.49 -34.73
N GLU A 237 -2.07 16.68 -35.12
CA GLU A 237 -2.87 17.51 -34.22
C GLU A 237 -4.22 16.92 -33.90
N ILE A 238 -4.88 16.36 -34.91
CA ILE A 238 -6.19 15.74 -34.70
C ILE A 238 -6.11 14.64 -33.64
N LEU A 239 -5.12 13.75 -33.78
CA LEU A 239 -4.95 12.65 -32.85
C LEU A 239 -4.77 13.13 -31.42
N LYS A 240 -3.84 14.07 -31.23
CA LYS A 240 -3.54 14.64 -29.91
C LYS A 240 -4.80 15.21 -29.25
N ALA A 241 -5.61 15.91 -30.04
CA ALA A 241 -6.83 16.51 -29.56
C ALA A 241 -7.83 15.45 -29.08
N ARG A 242 -8.11 14.48 -29.94
CA ARG A 242 -9.06 13.41 -29.61
C ARG A 242 -8.63 12.54 -28.42
N ILE A 243 -7.35 12.22 -28.35
CA ILE A 243 -6.83 11.37 -27.27
C ILE A 243 -6.72 12.08 -25.93
N LEU A 244 -6.19 13.30 -25.92
CA LEU A 244 -6.05 14.03 -24.68
C LEU A 244 -7.40 14.43 -24.12
N ALA A 245 -8.40 14.58 -24.99
CA ALA A 245 -9.73 14.94 -24.54
C ALA A 245 -10.19 13.88 -23.54
N SER A 246 -9.96 12.62 -23.88
CA SER A 246 -10.34 11.51 -23.03
C SER A 246 -9.52 11.55 -21.74
N ALA A 247 -8.20 11.58 -21.89
CA ALA A 247 -7.30 11.61 -20.76
C ALA A 247 -7.69 12.74 -19.82
N ARG A 248 -7.98 13.91 -20.40
CA ARG A 248 -8.38 15.07 -19.62
C ARG A 248 -9.62 14.76 -18.77
N HIS A 249 -10.62 14.14 -19.39
CA HIS A 249 -11.83 13.79 -18.69
C HIS A 249 -11.50 12.87 -17.53
N LYS A 250 -10.77 11.78 -17.82
CA LYS A 250 -10.41 10.85 -16.76
C LYS A 250 -9.75 11.60 -15.61
N ALA A 251 -8.81 12.49 -15.94
CA ALA A 251 -8.13 13.29 -14.95
C ALA A 251 -9.13 14.13 -14.16
N TYR A 252 -10.11 14.71 -14.86
CA TYR A 252 -11.12 15.53 -14.20
C TYR A 252 -11.91 14.72 -13.17
N VAL A 253 -12.50 13.62 -13.61
CA VAL A 253 -13.28 12.75 -12.72
C VAL A 253 -12.46 12.33 -11.51
N VAL A 254 -11.25 11.85 -11.76
CA VAL A 254 -10.37 11.39 -10.70
C VAL A 254 -10.05 12.47 -9.67
N SER A 255 -10.19 13.73 -10.04
CA SER A 255 -9.87 14.83 -9.13
C SER A 255 -11.01 15.21 -8.21
N ALA A 256 -12.17 14.61 -8.43
CA ALA A 256 -13.35 14.87 -7.60
C ALA A 256 -13.36 13.93 -6.40
N GLY A 261 -18.93 12.62 -6.42
CA GLY A 261 -19.00 11.20 -6.09
C GLY A 261 -19.52 10.32 -7.21
N GLY A 262 -20.73 10.60 -7.67
CA GLY A 262 -21.34 9.81 -8.72
C GLY A 262 -20.78 10.08 -10.11
N LEU A 263 -19.79 10.96 -10.19
CA LEU A 263 -19.19 11.30 -11.48
C LEU A 263 -18.26 10.18 -11.97
N ARG A 264 -17.71 9.43 -11.02
CA ARG A 264 -16.82 8.32 -11.35
C ARG A 264 -17.59 7.11 -11.88
N ASN A 265 -18.87 7.00 -11.49
CA ASN A 265 -19.73 5.91 -11.92
C ASN A 265 -19.94 6.00 -13.42
N LEU A 266 -20.01 7.22 -13.93
CA LEU A 266 -20.21 7.44 -15.36
C LEU A 266 -19.07 6.83 -16.15
N LEU A 267 -17.89 6.76 -15.56
CA LEU A 267 -16.75 6.17 -16.25
C LEU A 267 -17.01 4.68 -16.49
N ASN A 268 -18.13 4.20 -15.93
CA ASN A 268 -18.48 2.81 -16.06
C ASN A 268 -19.52 2.53 -17.14
N TRP A 269 -19.84 3.54 -17.94
CA TRP A 269 -20.83 3.35 -18.99
C TRP A 269 -20.37 2.24 -19.91
N GLY A 270 -21.30 1.35 -20.27
CA GLY A 270 -20.97 0.23 -21.15
C GLY A 270 -20.22 -0.87 -20.42
N HIS A 271 -19.69 -0.57 -19.24
CA HIS A 271 -18.93 -1.55 -18.48
C HIS A 271 -19.78 -2.56 -17.72
N SER A 272 -21.02 -2.19 -17.40
CA SER A 272 -21.91 -3.09 -16.68
C SER A 272 -22.12 -4.34 -17.52
N ILE A 273 -22.66 -4.14 -18.71
CA ILE A 273 -22.87 -5.28 -19.58
C ILE A 273 -21.49 -5.67 -20.10
N GLY A 274 -20.71 -4.67 -20.47
CA GLY A 274 -19.37 -4.93 -20.99
C GLY A 274 -18.57 -5.95 -20.20
N HIS A 275 -18.52 -5.78 -18.88
CA HIS A 275 -17.78 -6.68 -18.01
C HIS A 275 -18.35 -8.09 -18.05
N ALA A 276 -19.66 -8.19 -18.09
CA ALA A 276 -20.31 -9.50 -18.13
C ALA A 276 -19.83 -10.27 -19.36
N ILE A 277 -19.81 -9.60 -20.51
CA ILE A 277 -19.36 -10.21 -21.75
C ILE A 277 -17.90 -10.64 -21.67
N GLU A 278 -17.06 -9.78 -21.14
CA GLU A 278 -15.64 -10.10 -21.05
C GLU A 278 -15.36 -11.30 -20.14
N ALA A 279 -16.12 -11.43 -19.06
CA ALA A 279 -15.91 -12.54 -18.15
C ALA A 279 -16.06 -13.86 -18.90
N ILE A 280 -16.88 -13.84 -19.94
CA ILE A 280 -17.14 -15.02 -20.76
C ILE A 280 -16.19 -15.14 -21.95
N LEU A 281 -15.95 -14.04 -22.66
CA LEU A 281 -15.11 -14.07 -23.84
C LEU A 281 -13.61 -13.81 -23.68
N THR A 282 -13.18 -13.34 -22.52
CA THR A 282 -11.75 -13.12 -22.34
C THR A 282 -11.15 -14.52 -22.20
N PRO A 283 -9.86 -14.68 -22.49
CA PRO A 283 -8.92 -13.67 -22.96
C PRO A 283 -8.88 -13.52 -24.48
N GLN A 284 -9.73 -14.25 -25.19
CA GLN A 284 -9.74 -14.16 -26.64
C GLN A 284 -10.13 -12.75 -27.08
N ILE A 285 -11.13 -12.18 -26.42
CA ILE A 285 -11.60 -10.85 -26.74
C ILE A 285 -11.06 -9.85 -25.71
N LEU A 286 -10.62 -8.70 -26.20
CA LEU A 286 -10.04 -7.65 -25.36
C LEU A 286 -11.07 -6.79 -24.62
N HIS A 287 -10.59 -6.14 -23.55
CA HIS A 287 -11.44 -5.28 -22.74
C HIS A 287 -12.24 -4.27 -23.56
N GLY A 288 -11.53 -3.42 -24.29
CA GLY A 288 -12.21 -2.42 -25.10
C GLY A 288 -13.25 -3.02 -26.04
N GLU A 289 -12.89 -4.11 -26.70
CA GLU A 289 -13.80 -4.78 -27.62
C GLU A 289 -15.09 -5.18 -26.93
N CYS A 290 -14.99 -5.63 -25.67
CA CYS A 290 -16.19 -6.02 -24.92
C CYS A 290 -16.97 -4.79 -24.46
N VAL A 291 -16.25 -3.74 -24.06
CA VAL A 291 -16.91 -2.51 -23.62
C VAL A 291 -17.70 -1.89 -24.77
N ALA A 292 -17.15 -1.99 -25.98
CA ALA A 292 -17.81 -1.46 -27.16
C ALA A 292 -19.22 -2.07 -27.26
N ILE A 293 -19.29 -3.40 -27.20
CA ILE A 293 -20.57 -4.08 -27.26
C ILE A 293 -21.39 -3.71 -26.03
N GLY A 294 -20.70 -3.41 -24.93
CA GLY A 294 -21.39 -3.04 -23.71
C GLY A 294 -22.08 -1.70 -23.87
N MET A 295 -21.41 -0.75 -24.52
CA MET A 295 -21.99 0.56 -24.74
C MET A 295 -23.19 0.44 -25.64
N VAL A 296 -23.06 -0.36 -26.70
CA VAL A 296 -24.16 -0.57 -27.63
C VAL A 296 -25.43 -1.06 -26.93
N LYS A 297 -25.26 -2.02 -26.03
CA LYS A 297 -26.39 -2.58 -25.31
C LYS A 297 -26.97 -1.66 -24.24
N GLU A 298 -26.11 -1.04 -23.45
CA GLU A 298 -26.59 -0.15 -22.40
C GLU A 298 -27.31 1.03 -23.04
N ALA A 299 -26.91 1.39 -24.27
CA ALA A 299 -27.56 2.48 -24.99
C ALA A 299 -28.94 1.96 -25.39
N GLU A 300 -28.98 0.72 -25.86
CA GLU A 300 -30.24 0.08 -26.26
C GLU A 300 -31.16 -0.02 -25.05
N LEU A 301 -30.58 -0.22 -23.88
CA LEU A 301 -31.36 -0.32 -22.65
C LEU A 301 -31.95 1.05 -22.35
N ALA A 302 -31.14 2.09 -22.56
CA ALA A 302 -31.60 3.45 -22.31
C ALA A 302 -32.77 3.75 -23.24
N ARG A 303 -32.66 3.31 -24.50
CA ARG A 303 -33.72 3.53 -25.48
C ARG A 303 -34.98 2.79 -25.03
N HIS A 304 -34.82 1.52 -24.69
CA HIS A 304 -35.94 0.70 -24.25
C HIS A 304 -36.69 1.36 -23.10
N LEU A 305 -35.93 1.88 -22.13
CA LEU A 305 -36.53 2.52 -20.98
C LEU A 305 -37.10 3.91 -21.30
N GLY A 306 -37.03 4.28 -22.58
CA GLY A 306 -37.55 5.57 -23.01
C GLY A 306 -36.69 6.77 -22.65
N ILE A 307 -35.43 6.53 -22.28
CA ILE A 307 -34.52 7.61 -21.91
C ILE A 307 -33.65 8.08 -23.08
N LEU A 308 -33.36 7.18 -24.00
CA LEU A 308 -32.51 7.52 -25.14
C LEU A 308 -33.23 7.37 -26.48
N LYS A 309 -33.01 8.32 -27.39
CA LYS A 309 -33.66 8.27 -28.69
C LYS A 309 -33.00 7.31 -29.67
N GLY A 310 -33.80 6.83 -30.61
CA GLY A 310 -33.30 5.90 -31.61
C GLY A 310 -32.10 6.44 -32.37
N VAL A 311 -32.20 7.69 -32.80
CA VAL A 311 -31.10 8.32 -33.53
C VAL A 311 -29.81 8.28 -32.74
N ALA A 312 -29.90 8.59 -31.45
CA ALA A 312 -28.74 8.60 -30.57
C ALA A 312 -28.06 7.23 -30.57
N VAL A 313 -28.86 6.19 -30.35
CA VAL A 313 -28.36 4.81 -30.32
C VAL A 313 -27.59 4.43 -31.59
N SER A 314 -28.10 4.84 -32.75
CA SER A 314 -27.47 4.51 -34.03
C SER A 314 -26.06 5.05 -34.18
N ARG A 315 -25.86 6.31 -33.81
CA ARG A 315 -24.54 6.94 -33.91
C ARG A 315 -23.53 6.22 -33.02
N ILE A 316 -23.96 5.82 -31.83
CA ILE A 316 -23.09 5.11 -30.90
C ILE A 316 -22.53 3.92 -31.67
N VAL A 317 -23.44 3.10 -32.20
CA VAL A 317 -23.03 1.94 -32.97
C VAL A 317 -22.16 2.34 -34.15
N LYS A 318 -22.65 3.31 -34.93
CA LYS A 318 -21.93 3.78 -36.10
C LYS A 318 -20.54 4.27 -35.76
N CYS A 319 -20.44 5.05 -34.68
CA CYS A 319 -19.15 5.60 -34.26
C CYS A 319 -18.15 4.53 -33.81
N LEU A 320 -18.64 3.51 -33.13
CA LEU A 320 -17.78 2.43 -32.66
C LEU A 320 -17.29 1.63 -33.89
N ALA A 321 -18.22 1.31 -34.79
CA ALA A 321 -17.87 0.56 -35.98
C ALA A 321 -16.82 1.36 -36.74
N ALA A 322 -17.10 2.64 -36.95
CA ALA A 322 -16.20 3.53 -37.66
C ALA A 322 -14.76 3.37 -37.21
N TYR A 323 -14.57 3.01 -35.94
CA TYR A 323 -13.21 2.85 -35.43
C TYR A 323 -12.72 1.42 -35.41
N GLY A 324 -13.54 0.50 -35.91
CA GLY A 324 -13.13 -0.90 -35.95
C GLY A 324 -13.51 -1.71 -34.73
N LEU A 325 -14.40 -1.17 -33.92
CA LEU A 325 -14.84 -1.86 -32.72
C LEU A 325 -16.11 -2.69 -32.96
N PRO A 326 -16.20 -3.86 -32.30
CA PRO A 326 -17.39 -4.69 -32.46
C PRO A 326 -18.61 -4.06 -31.81
N THR A 327 -19.78 -4.21 -32.44
CA THR A 327 -21.01 -3.64 -31.92
C THR A 327 -22.00 -4.70 -31.48
N SER A 328 -21.73 -5.96 -31.81
CA SER A 328 -22.64 -7.04 -31.42
C SER A 328 -21.92 -8.36 -31.12
N LEU A 329 -22.57 -9.14 -30.25
CA LEU A 329 -22.06 -10.45 -29.85
C LEU A 329 -22.02 -11.37 -31.06
N LYS A 330 -22.79 -11.03 -32.10
CA LYS A 330 -22.86 -11.82 -33.31
C LYS A 330 -21.77 -11.50 -34.34
N ASP A 331 -20.99 -10.47 -34.06
CA ASP A 331 -19.89 -10.04 -34.92
C ASP A 331 -19.10 -11.24 -35.48
N ALA A 332 -18.48 -11.06 -36.63
CA ALA A 332 -17.69 -12.13 -37.24
C ALA A 332 -16.42 -12.46 -36.45
N ARG A 333 -15.46 -11.54 -36.45
CA ARG A 333 -14.19 -11.70 -35.74
C ARG A 333 -14.36 -12.42 -34.41
N ILE A 334 -15.13 -11.79 -33.51
CA ILE A 334 -15.41 -12.32 -32.19
C ILE A 334 -15.75 -13.80 -32.28
N ARG A 335 -16.78 -14.11 -33.05
CA ARG A 335 -17.23 -15.48 -33.23
C ARG A 335 -16.10 -16.40 -33.71
N LYS A 336 -15.14 -15.86 -34.47
CA LYS A 336 -14.02 -16.65 -34.95
C LYS A 336 -12.99 -16.82 -33.85
N LEU A 337 -12.62 -15.69 -33.26
CA LEU A 337 -11.63 -15.66 -32.19
C LEU A 337 -12.05 -16.49 -30.99
N THR A 338 -13.36 -16.69 -30.83
CA THR A 338 -13.88 -17.47 -29.71
C THR A 338 -14.68 -18.70 -30.16
N ALA A 339 -14.28 -19.26 -31.30
CA ALA A 339 -14.93 -20.45 -31.85
C ALA A 339 -16.41 -20.51 -31.50
N GLY A 340 -17.12 -19.41 -31.73
CA GLY A 340 -18.54 -19.36 -31.46
C GLY A 340 -18.97 -19.44 -30.00
N LYS A 341 -18.15 -18.94 -29.09
CA LYS A 341 -18.52 -18.96 -27.66
C LYS A 341 -19.88 -18.27 -27.56
N HIS A 342 -20.67 -18.57 -26.53
CA HIS A 342 -22.00 -17.98 -26.40
C HIS A 342 -22.30 -17.39 -25.02
N CYS A 343 -22.79 -16.16 -25.00
CA CYS A 343 -23.11 -15.47 -23.75
C CYS A 343 -24.61 -15.49 -23.45
N SER A 344 -25.08 -16.56 -22.82
CA SER A 344 -26.49 -16.69 -22.48
C SER A 344 -26.96 -15.47 -21.70
N VAL A 345 -28.20 -15.07 -21.94
CA VAL A 345 -28.79 -13.93 -21.23
C VAL A 345 -28.75 -14.17 -19.72
N ASP A 346 -28.65 -15.43 -19.31
CA ASP A 346 -28.61 -15.74 -17.90
C ASP A 346 -27.21 -15.60 -17.32
N GLN A 347 -26.23 -16.26 -17.95
CA GLN A 347 -24.85 -16.19 -17.50
C GLN A 347 -24.39 -14.74 -17.41
N LEU A 348 -24.92 -13.89 -18.29
CA LEU A 348 -24.56 -12.50 -18.26
C LEU A 348 -25.14 -11.86 -17.01
N MET A 349 -26.41 -12.13 -16.73
CA MET A 349 -27.05 -11.59 -15.54
C MET A 349 -26.40 -12.14 -14.27
N PHE A 350 -25.79 -13.31 -14.37
CA PHE A 350 -25.12 -13.90 -13.24
C PHE A 350 -23.86 -13.09 -12.97
N ASN A 351 -23.06 -12.92 -14.02
CA ASN A 351 -21.82 -12.16 -13.94
C ASN A 351 -22.06 -10.73 -13.49
N MET A 352 -23.03 -10.06 -14.10
CA MET A 352 -23.37 -8.68 -13.74
C MET A 352 -23.63 -8.56 -12.25
N ALA A 353 -24.00 -9.67 -11.63
CA ALA A 353 -24.30 -9.67 -10.20
C ALA A 353 -23.05 -9.95 -9.37
N LEU A 354 -22.07 -10.60 -9.97
CA LEU A 354 -20.83 -10.93 -9.28
C LEU A 354 -20.13 -9.62 -8.92
N ASP A 355 -20.71 -8.52 -9.35
CA ASP A 355 -20.16 -7.20 -9.09
C ASP A 355 -20.96 -6.53 -7.96
N PRO A 361 -32.16 -8.91 -7.54
CA PRO A 361 -33.01 -7.73 -7.30
C PRO A 361 -32.97 -6.73 -8.46
N LYS A 362 -32.03 -5.78 -8.39
CA LYS A 362 -31.86 -4.79 -9.45
C LYS A 362 -30.39 -4.46 -9.70
N LYS A 363 -30.10 -4.03 -10.93
CA LYS A 363 -28.74 -3.68 -11.33
C LYS A 363 -28.57 -2.17 -11.50
N LYS A 364 -27.36 -1.69 -11.25
CA LYS A 364 -27.07 -0.27 -11.42
C LYS A 364 -26.38 -0.12 -12.77
N ILE A 365 -26.91 0.77 -13.59
CA ILE A 365 -26.37 0.99 -14.92
C ILE A 365 -26.36 2.46 -15.30
N VAL A 366 -25.32 2.86 -16.03
CA VAL A 366 -25.20 4.23 -16.46
C VAL A 366 -26.07 4.42 -17.69
N LEU A 367 -27.10 5.27 -17.58
CA LEU A 367 -27.98 5.54 -18.69
C LEU A 367 -27.73 6.91 -19.29
N LEU A 368 -27.92 7.01 -20.60
CA LEU A 368 -27.73 8.29 -21.29
C LEU A 368 -29.06 8.77 -21.81
N SER A 369 -29.36 10.04 -21.59
CA SER A 369 -30.61 10.61 -22.07
C SER A 369 -30.35 11.15 -23.46
N ALA A 370 -29.06 11.29 -23.80
CA ALA A 370 -28.61 11.78 -25.10
C ALA A 370 -27.09 11.74 -25.13
N ILE A 371 -26.52 11.71 -26.33
CA ILE A 371 -25.08 11.67 -26.45
C ILE A 371 -24.48 12.89 -25.78
N GLY A 372 -23.59 12.63 -24.83
CA GLY A 372 -22.94 13.71 -24.11
C GLY A 372 -23.69 14.10 -22.85
N THR A 373 -24.92 13.61 -22.71
CA THR A 373 -25.74 13.93 -21.55
C THR A 373 -26.25 12.72 -20.77
N PRO A 374 -25.66 12.46 -19.60
CA PRO A 374 -26.06 11.34 -18.75
C PRO A 374 -27.46 11.58 -18.18
N TYR A 375 -28.25 10.52 -18.08
CA TYR A 375 -29.60 10.61 -17.54
C TYR A 375 -29.55 11.18 -16.13
N GLU A 376 -28.88 10.46 -15.24
CA GLU A 376 -28.71 10.87 -13.86
C GLU A 376 -27.22 11.18 -13.68
N THR A 377 -26.88 11.87 -12.61
CA THR A 377 -25.48 12.19 -12.35
C THR A 377 -24.81 11.01 -11.65
N ARG A 378 -25.28 9.80 -11.95
CA ARG A 378 -24.75 8.56 -11.40
C ARG A 378 -25.41 7.36 -12.10
N ALA A 379 -25.07 6.16 -11.65
CA ALA A 379 -25.64 4.94 -12.24
C ALA A 379 -27.09 4.81 -11.78
N SER A 380 -28.01 4.77 -12.74
CA SER A 380 -29.43 4.64 -12.45
C SER A 380 -29.82 3.21 -12.10
N VAL A 381 -30.82 3.07 -11.24
CA VAL A 381 -31.28 1.74 -10.84
C VAL A 381 -32.18 1.19 -11.94
N VAL A 382 -31.88 -0.02 -12.38
CA VAL A 382 -32.67 -0.67 -13.43
C VAL A 382 -33.07 -2.08 -13.02
N ALA A 383 -34.27 -2.48 -13.43
CA ALA A 383 -34.80 -3.81 -13.12
C ALA A 383 -34.22 -4.91 -14.02
N ASN A 384 -34.01 -6.09 -13.44
CA ASN A 384 -33.47 -7.22 -14.20
C ASN A 384 -34.21 -7.52 -15.50
N GLU A 385 -35.52 -7.68 -15.42
CA GLU A 385 -36.31 -7.98 -16.62
C GLU A 385 -36.03 -6.98 -17.74
N ASP A 386 -35.86 -5.71 -17.41
CA ASP A 386 -35.60 -4.70 -18.42
C ASP A 386 -34.22 -4.86 -19.03
N ILE A 387 -33.29 -5.44 -18.27
CA ILE A 387 -31.94 -5.65 -18.78
C ILE A 387 -31.94 -6.87 -19.70
N ARG A 388 -32.57 -7.95 -19.24
CA ARG A 388 -32.66 -9.20 -19.99
C ARG A 388 -33.20 -8.99 -21.41
N VAL A 389 -33.90 -7.89 -21.63
CA VAL A 389 -34.48 -7.63 -22.94
C VAL A 389 -33.48 -7.17 -23.98
N VAL A 390 -32.37 -6.57 -23.55
CA VAL A 390 -31.39 -6.11 -24.52
C VAL A 390 -30.16 -7.00 -24.60
N LEU A 391 -30.24 -8.19 -24.02
CA LEU A 391 -29.10 -9.10 -24.03
C LEU A 391 -29.09 -10.18 -25.12
N ALA A 392 -30.20 -10.34 -25.84
CA ALA A 392 -30.30 -11.34 -26.91
C ALA A 392 -29.44 -10.99 -28.13
N PRO B 4 -13.51 3.70 30.13
CA PRO B 4 -12.52 3.31 29.08
C PRO B 4 -11.73 4.52 28.56
N THR B 5 -10.46 4.59 28.95
CA THR B 5 -9.58 5.70 28.54
C THR B 5 -9.32 5.71 27.04
N LYS B 6 -9.59 6.84 26.40
CA LYS B 6 -9.39 6.99 24.97
C LYS B 6 -8.26 7.96 24.68
N ILE B 7 -7.39 7.59 23.75
CA ILE B 7 -6.29 8.44 23.32
C ILE B 7 -6.51 8.64 21.83
N SER B 8 -6.43 9.89 21.38
CA SER B 8 -6.66 10.19 19.98
C SER B 8 -5.37 10.31 19.18
N ILE B 9 -5.37 9.69 18.00
CA ILE B 9 -4.21 9.72 17.11
C ILE B 9 -4.54 10.22 15.71
N LEU B 10 -3.70 11.12 15.20
CA LEU B 10 -3.87 11.67 13.87
C LEU B 10 -5.20 12.40 13.72
N GLY B 11 -5.48 13.30 14.67
CA GLY B 11 -6.70 14.09 14.62
C GLY B 11 -8.01 13.37 14.89
N ARG B 12 -7.94 12.11 15.28
CA ARG B 12 -9.17 11.37 15.55
C ARG B 12 -9.02 10.25 16.58
N GLU B 13 -10.12 9.88 17.20
CA GLU B 13 -10.09 8.82 18.18
C GLU B 13 -9.71 7.54 17.44
N SER B 14 -9.05 6.66 18.15
CA SER B 14 -8.62 5.40 17.57
C SER B 14 -8.27 4.49 18.71
N ILE B 15 -7.43 4.99 19.62
CA ILE B 15 -7.02 4.19 20.75
C ILE B 15 -8.05 4.13 21.86
N ILE B 16 -8.34 2.90 22.30
CA ILE B 16 -9.27 2.65 23.39
C ILE B 16 -8.44 1.79 24.35
N ALA B 17 -8.14 2.31 25.53
CA ALA B 17 -7.33 1.57 26.49
C ALA B 17 -7.95 1.37 27.87
N ASP B 18 -7.96 0.13 28.32
CA ASP B 18 -8.54 -0.21 29.63
C ASP B 18 -8.40 -1.71 29.84
N PHE B 19 -8.73 -2.20 31.04
CA PHE B 19 -8.66 -3.63 31.34
C PHE B 19 -9.91 -4.34 30.82
N GLY B 20 -9.75 -5.61 30.45
CA GLY B 20 -10.88 -6.40 29.97
C GLY B 20 -11.54 -6.02 28.65
N LEU B 21 -10.92 -5.18 27.84
CA LEU B 21 -11.52 -4.79 26.57
C LEU B 21 -11.81 -5.99 25.67
N TRP B 22 -10.88 -6.92 25.61
CA TRP B 22 -11.05 -8.09 24.76
C TRP B 22 -12.26 -8.94 25.19
N ARG B 23 -12.66 -8.82 26.45
CA ARG B 23 -13.78 -9.61 26.95
C ARG B 23 -15.15 -8.94 26.86
N ASN B 24 -15.24 -7.66 27.21
CA ASN B 24 -16.51 -6.97 27.20
C ASN B 24 -16.71 -5.86 26.17
N TYR B 25 -15.62 -5.41 25.56
CA TYR B 25 -15.74 -4.29 24.62
C TYR B 25 -15.54 -4.56 23.14
N VAL B 26 -14.32 -4.90 22.75
CA VAL B 26 -13.99 -5.16 21.35
C VAL B 26 -15.14 -5.62 20.46
N ALA B 27 -15.57 -6.87 20.62
CA ALA B 27 -16.66 -7.41 19.83
C ALA B 27 -17.79 -6.37 19.66
N LYS B 28 -18.34 -5.94 20.79
CA LYS B 28 -19.41 -4.95 20.78
C LYS B 28 -19.07 -3.77 19.88
N ASP B 29 -18.00 -3.06 20.25
CA ASP B 29 -17.58 -1.88 19.51
C ASP B 29 -17.30 -2.12 18.02
N LEU B 30 -16.84 -3.31 17.66
CA LEU B 30 -16.55 -3.60 16.26
C LEU B 30 -17.84 -3.63 15.43
N ILE B 31 -18.88 -4.23 16.01
CA ILE B 31 -20.17 -4.36 15.34
C ILE B 31 -20.88 -3.02 15.15
N SER B 32 -20.64 -2.09 16.06
CA SER B 32 -21.29 -0.78 16.01
C SER B 32 -20.50 0.33 15.35
N ASP B 33 -19.18 0.33 15.53
CA ASP B 33 -18.33 1.36 14.93
C ASP B 33 -17.61 0.92 13.67
N CYS B 34 -17.53 -0.38 13.45
CA CYS B 34 -16.88 -0.93 12.25
C CYS B 34 -17.88 -1.86 11.56
N SER B 35 -19.10 -1.36 11.35
CA SER B 35 -20.13 -2.16 10.72
C SER B 35 -19.58 -2.95 9.54
N SER B 36 -19.92 -4.23 9.48
CA SER B 36 -19.49 -5.09 8.39
C SER B 36 -20.12 -6.48 8.43
N THR B 37 -19.95 -7.21 7.34
CA THR B 37 -20.49 -8.56 7.23
C THR B 37 -19.38 -9.59 7.42
N THR B 38 -18.14 -9.13 7.39
CA THR B 38 -17.01 -10.03 7.51
C THR B 38 -15.90 -9.49 8.39
N TYR B 39 -15.57 -10.21 9.45
CA TYR B 39 -14.50 -9.83 10.37
C TYR B 39 -13.47 -10.94 10.37
N VAL B 40 -12.22 -10.59 10.07
CA VAL B 40 -11.17 -11.61 10.04
C VAL B 40 -10.11 -11.43 11.10
N LEU B 41 -10.11 -12.36 12.05
CA LEU B 41 -9.16 -12.36 13.16
C LEU B 41 -7.89 -13.12 12.73
N VAL B 42 -6.73 -12.51 12.95
CA VAL B 42 -5.48 -13.15 12.62
C VAL B 42 -4.63 -13.22 13.89
N THR B 43 -4.00 -14.37 14.12
CA THR B 43 -3.17 -14.54 15.31
C THR B 43 -2.30 -15.79 15.27
N ASP B 44 -1.30 -15.86 16.15
CA ASP B 44 -0.47 -17.06 16.17
C ASP B 44 -1.14 -18.08 17.10
N THR B 45 -0.66 -19.32 17.06
CA THR B 45 -1.26 -20.36 17.88
C THR B 45 -1.01 -20.22 19.38
N ASN B 46 -0.10 -19.33 19.76
CA ASN B 46 0.17 -19.14 21.19
C ASN B 46 -0.90 -18.27 21.83
N ILE B 47 -1.04 -17.05 21.31
CA ILE B 47 -1.99 -16.10 21.85
C ILE B 47 -3.45 -16.45 21.53
N GLY B 48 -3.66 -17.12 20.40
CA GLY B 48 -5.01 -17.51 20.02
C GLY B 48 -5.63 -18.51 20.96
N SER B 49 -4.93 -19.63 21.18
CA SER B 49 -5.42 -20.68 22.05
C SER B 49 -5.83 -20.14 23.43
N ILE B 50 -5.25 -19.02 23.82
CA ILE B 50 -5.57 -18.42 25.10
C ILE B 50 -6.75 -17.45 25.03
N TYR B 51 -6.82 -16.68 23.94
CA TYR B 51 -7.85 -15.65 23.82
C TYR B 51 -8.93 -15.72 22.74
N THR B 52 -8.76 -16.53 21.70
CA THR B 52 -9.80 -16.55 20.66
C THR B 52 -11.15 -17.11 21.12
N PRO B 53 -11.16 -18.19 21.93
CA PRO B 53 -12.41 -18.78 22.41
C PRO B 53 -13.37 -17.77 23.07
N SER B 54 -12.84 -17.03 24.04
CA SER B 54 -13.65 -16.04 24.75
C SER B 54 -14.22 -15.01 23.76
N PHE B 55 -13.47 -14.75 22.70
CA PHE B 55 -13.88 -13.77 21.70
C PHE B 55 -14.96 -14.30 20.76
N GLU B 56 -14.82 -15.55 20.33
CA GLU B 56 -15.80 -16.15 19.43
C GLU B 56 -17.15 -16.03 20.10
N GLU B 57 -17.15 -16.33 21.39
CA GLU B 57 -18.35 -16.27 22.20
C GLU B 57 -18.83 -14.81 22.26
N ALA B 58 -17.98 -13.93 22.77
CA ALA B 58 -18.34 -12.50 22.87
C ALA B 58 -18.86 -11.97 21.55
N PHE B 59 -18.32 -12.50 20.46
CA PHE B 59 -18.70 -12.07 19.12
C PHE B 59 -20.12 -12.54 18.82
N ARG B 60 -20.38 -13.82 19.04
CA ARG B 60 -21.70 -14.40 18.80
C ARG B 60 -22.80 -13.61 19.48
N LYS B 61 -22.57 -13.22 20.73
CA LYS B 61 -23.56 -12.45 21.48
C LYS B 61 -23.94 -11.15 20.79
N ARG B 62 -22.95 -10.43 20.28
CA ARG B 62 -23.22 -9.17 19.61
C ARG B 62 -23.79 -9.34 18.22
N ALA B 63 -23.33 -10.37 17.52
CA ALA B 63 -23.80 -10.64 16.16
C ALA B 63 -25.24 -11.15 16.14
N ALA B 64 -25.66 -11.80 17.22
CA ALA B 64 -27.00 -12.34 17.32
C ALA B 64 -28.09 -11.28 17.16
N GLU B 65 -27.87 -10.12 17.77
CA GLU B 65 -28.85 -9.04 17.69
C GLU B 65 -28.95 -8.46 16.27
N ILE B 66 -27.80 -8.16 15.68
CA ILE B 66 -27.75 -7.62 14.32
C ILE B 66 -28.11 -8.68 13.29
N THR B 67 -28.82 -8.28 12.24
CA THR B 67 -29.22 -9.19 11.18
C THR B 67 -29.18 -8.48 9.82
N PRO B 68 -28.58 -9.13 8.80
CA PRO B 68 -27.93 -10.44 8.80
C PRO B 68 -26.83 -10.63 9.85
N SER B 69 -26.31 -11.85 9.93
CA SER B 69 -25.28 -12.17 10.91
C SER B 69 -23.85 -11.98 10.40
N PRO B 70 -23.11 -11.04 11.03
CA PRO B 70 -21.73 -10.75 10.64
C PRO B 70 -20.82 -11.95 10.99
N ARG B 71 -20.29 -12.62 9.97
CA ARG B 71 -19.44 -13.79 10.18
C ARG B 71 -18.06 -13.47 10.75
N LEU B 72 -17.53 -14.37 11.56
CA LEU B 72 -16.19 -14.19 12.14
C LEU B 72 -15.28 -15.29 11.66
N LEU B 73 -14.35 -14.93 10.78
CA LEU B 73 -13.40 -15.90 10.25
C LEU B 73 -12.10 -15.79 11.03
N ILE B 74 -11.46 -16.92 11.29
CA ILE B 74 -10.23 -16.93 12.06
C ILE B 74 -9.05 -17.57 11.34
N TYR B 75 -7.88 -16.96 11.46
CA TYR B 75 -6.66 -17.48 10.85
C TYR B 75 -5.55 -17.55 11.89
N ASN B 76 -4.95 -18.73 12.04
CA ASN B 76 -3.87 -18.92 13.01
C ASN B 76 -2.59 -19.33 12.30
N ARG B 77 -1.50 -18.63 12.61
CA ARG B 77 -0.22 -18.94 11.99
C ARG B 77 0.79 -19.28 13.07
N PRO B 78 1.85 -20.04 12.71
CA PRO B 78 2.86 -20.39 13.72
C PRO B 78 3.44 -19.13 14.37
N PRO B 79 3.81 -19.22 15.65
CA PRO B 79 4.38 -18.03 16.28
C PRO B 79 5.76 -17.74 15.71
N GLY B 80 6.33 -16.61 16.11
CA GLY B 80 7.66 -16.26 15.63
C GLY B 80 7.56 -15.36 14.42
N GLU B 81 8.65 -14.67 14.12
CA GLU B 81 8.68 -13.76 12.99
C GLU B 81 8.79 -14.50 11.67
N VAL B 82 8.59 -15.81 11.71
CA VAL B 82 8.66 -16.62 10.49
C VAL B 82 7.39 -16.44 9.65
N SER B 83 6.35 -15.89 10.27
CA SER B 83 5.08 -15.66 9.60
C SER B 83 5.02 -14.31 8.92
N LYS B 84 5.99 -13.45 9.24
CA LYS B 84 6.06 -12.13 8.66
C LYS B 84 6.81 -12.32 7.34
N SER B 85 6.23 -13.14 6.47
CA SER B 85 6.82 -13.47 5.17
C SER B 85 5.85 -13.26 4.02
N ARG B 86 6.39 -13.16 2.81
CA ARG B 86 5.58 -12.98 1.62
C ARG B 86 4.61 -14.15 1.51
N GLN B 87 5.11 -15.34 1.80
CA GLN B 87 4.29 -16.54 1.72
C GLN B 87 3.10 -16.50 2.69
N THR B 88 3.39 -16.25 3.96
CA THR B 88 2.35 -16.18 4.97
C THR B 88 1.29 -15.16 4.58
N LYS B 89 1.73 -13.99 4.16
CA LYS B 89 0.80 -12.94 3.75
C LYS B 89 -0.08 -13.47 2.63
N ALA B 90 0.57 -14.08 1.64
CA ALA B 90 -0.13 -14.63 0.48
C ALA B 90 -1.18 -15.68 0.87
N ASP B 91 -0.88 -16.54 1.83
CA ASP B 91 -1.84 -17.54 2.25
C ASP B 91 -3.04 -16.82 2.85
N ILE B 92 -2.79 -16.06 3.90
CA ILE B 92 -3.84 -15.29 4.58
C ILE B 92 -4.79 -14.66 3.57
N GLU B 93 -4.25 -14.25 2.44
CA GLU B 93 -5.05 -13.60 1.40
C GLU B 93 -5.83 -14.59 0.55
N ASP B 94 -5.17 -15.65 0.10
CA ASP B 94 -5.84 -16.64 -0.71
C ASP B 94 -6.94 -17.27 0.10
N TRP B 95 -6.69 -17.38 1.40
CA TRP B 95 -7.64 -17.94 2.34
C TRP B 95 -8.80 -16.98 2.47
N MET B 96 -8.50 -15.70 2.37
CA MET B 96 -9.53 -14.68 2.48
C MET B 96 -10.40 -14.69 1.22
N LEU B 97 -9.75 -14.90 0.08
CA LEU B 97 -10.44 -14.92 -1.20
C LEU B 97 -11.18 -16.23 -1.42
N SER B 98 -10.75 -17.28 -0.72
CA SER B 98 -11.35 -18.60 -0.88
C SER B 98 -12.56 -18.86 0.00
N GLN B 99 -12.87 -17.93 0.91
CA GLN B 99 -14.02 -18.13 1.77
C GLN B 99 -15.32 -18.05 0.97
N ASN B 100 -16.44 -18.37 1.63
CA ASN B 100 -17.73 -18.39 0.95
C ASN B 100 -18.84 -17.56 1.60
N PRO B 101 -19.15 -16.40 1.00
CA PRO B 101 -18.47 -15.93 -0.20
C PRO B 101 -17.14 -15.28 0.20
N PRO B 102 -16.28 -14.99 -0.78
CA PRO B 102 -14.96 -14.37 -0.56
C PRO B 102 -15.00 -13.09 0.28
N CYS B 103 -13.97 -12.87 1.10
CA CYS B 103 -13.90 -11.66 1.93
C CYS B 103 -13.83 -10.44 1.03
N GLY B 104 -14.70 -9.47 1.25
CA GLY B 104 -14.72 -8.29 0.40
C GLY B 104 -14.14 -7.02 0.96
N ARG B 105 -14.36 -5.92 0.25
CA ARG B 105 -13.83 -4.63 0.66
C ARG B 105 -14.41 -4.08 1.95
N ASP B 106 -15.51 -4.66 2.41
CA ASP B 106 -16.14 -4.19 3.65
C ASP B 106 -15.47 -4.85 4.85
N THR B 107 -14.64 -5.86 4.58
CA THR B 107 -13.94 -6.61 5.61
C THR B 107 -13.21 -5.74 6.63
N VAL B 108 -13.31 -6.16 7.90
CA VAL B 108 -12.61 -5.49 8.98
C VAL B 108 -11.67 -6.55 9.52
N VAL B 109 -10.37 -6.28 9.41
CA VAL B 109 -9.40 -7.25 9.88
C VAL B 109 -8.98 -6.96 11.31
N ILE B 110 -8.93 -8.00 12.13
CA ILE B 110 -8.56 -7.85 13.54
C ILE B 110 -7.14 -8.41 13.72
N ALA B 111 -6.18 -7.53 14.01
CA ALA B 111 -4.80 -7.97 14.22
C ALA B 111 -4.58 -8.28 15.70
N LEU B 112 -4.81 -9.53 16.09
CA LEU B 112 -4.65 -9.93 17.48
C LEU B 112 -3.30 -10.57 17.74
N GLY B 113 -2.37 -9.78 18.27
CA GLY B 113 -1.03 -10.27 18.56
C GLY B 113 0.00 -9.20 18.86
N GLY B 114 1.26 -9.51 18.63
CA GLY B 114 2.32 -8.56 18.90
C GLY B 114 2.80 -7.84 17.68
N GLY B 115 4.07 -7.44 17.70
CA GLY B 115 4.66 -6.71 16.59
C GLY B 115 4.64 -7.55 15.33
N VAL B 116 4.90 -8.85 15.48
CA VAL B 116 4.91 -9.74 14.32
C VAL B 116 3.53 -9.81 13.67
N ILE B 117 2.53 -10.24 14.45
CA ILE B 117 1.17 -10.34 13.95
C ILE B 117 0.70 -8.97 13.46
N GLY B 118 1.13 -7.94 14.16
CA GLY B 118 0.75 -6.57 13.83
C GLY B 118 1.18 -6.13 12.45
N ASP B 119 2.48 -6.21 12.20
CA ASP B 119 3.03 -5.80 10.90
C ASP B 119 2.44 -6.59 9.73
N LEU B 120 2.34 -7.90 9.90
CA LEU B 120 1.81 -8.78 8.86
C LEU B 120 0.37 -8.45 8.51
N THR B 121 -0.50 -8.48 9.51
CA THR B 121 -1.92 -8.23 9.34
C THR B 121 -2.17 -6.82 8.82
N GLY B 122 -1.44 -5.86 9.36
CA GLY B 122 -1.60 -4.49 8.93
C GLY B 122 -1.29 -4.33 7.47
N PHE B 123 -0.27 -5.05 7.01
CA PHE B 123 0.14 -5.00 5.63
C PHE B 123 -0.83 -5.79 4.75
N VAL B 124 -1.33 -6.91 5.27
CA VAL B 124 -2.29 -7.72 4.52
C VAL B 124 -3.52 -6.87 4.19
N ALA B 125 -3.96 -6.13 5.20
CA ALA B 125 -5.13 -5.27 5.11
C ALA B 125 -4.95 -4.14 4.11
N SER B 126 -3.79 -3.50 4.16
CA SER B 126 -3.49 -2.37 3.28
C SER B 126 -3.61 -2.70 1.80
N THR B 127 -3.30 -3.93 1.41
CA THR B 127 -3.37 -4.30 0.00
C THR B 127 -4.53 -5.21 -0.43
N TYR B 128 -5.29 -5.76 0.51
CA TYR B 128 -6.42 -6.64 0.17
C TYR B 128 -7.48 -5.86 -0.62
N MET B 129 -7.56 -6.12 -1.92
CA MET B 129 -8.49 -5.42 -2.80
C MET B 129 -8.19 -3.92 -2.68
N ARG B 130 -6.90 -3.62 -2.62
CA ARG B 130 -6.38 -2.27 -2.53
C ARG B 130 -6.66 -1.61 -1.22
N GLY B 131 -6.91 -2.43 -0.19
CA GLY B 131 -7.15 -1.87 1.13
C GLY B 131 -8.50 -2.08 1.76
N VAL B 132 -8.48 -2.52 3.01
CA VAL B 132 -9.68 -2.75 3.80
C VAL B 132 -9.35 -2.29 5.21
N ARG B 133 -10.38 -1.95 5.98
CA ARG B 133 -10.21 -1.48 7.33
C ARG B 133 -9.61 -2.57 8.22
N TYR B 134 -8.97 -2.17 9.31
CA TYR B 134 -8.42 -3.12 10.27
C TYR B 134 -8.18 -2.46 11.61
N VAL B 135 -8.16 -3.25 12.67
CA VAL B 135 -7.92 -2.71 14.00
C VAL B 135 -6.72 -3.41 14.62
N GLN B 136 -6.06 -2.71 15.54
CA GLN B 136 -4.90 -3.24 16.24
C GLN B 136 -5.30 -3.69 17.63
N VAL B 137 -4.89 -4.89 17.99
CA VAL B 137 -5.16 -5.45 19.30
C VAL B 137 -3.84 -5.98 19.83
N PRO B 138 -2.93 -5.06 20.19
CA PRO B 138 -1.60 -5.36 20.72
C PRO B 138 -1.60 -6.18 22.00
N THR B 139 -0.98 -7.36 21.93
CA THR B 139 -0.92 -8.25 23.08
C THR B 139 0.41 -8.20 23.81
N THR B 140 1.43 -7.60 23.19
CA THR B 140 2.74 -7.49 23.86
C THR B 140 2.85 -6.06 24.33
N LEU B 141 3.66 -5.84 25.34
CA LEU B 141 3.83 -4.51 25.87
C LEU B 141 4.47 -3.62 24.81
N LEU B 142 5.51 -4.14 24.17
CA LEU B 142 6.22 -3.42 23.14
C LEU B 142 5.26 -2.97 22.04
N ALA B 143 4.23 -3.77 21.80
CA ALA B 143 3.27 -3.45 20.75
C ALA B 143 2.23 -2.43 21.20
N MET B 144 1.90 -2.45 22.48
CA MET B 144 0.90 -1.52 22.99
C MET B 144 1.38 -0.09 22.97
N VAL B 145 2.64 0.14 23.34
CA VAL B 145 3.16 1.50 23.38
C VAL B 145 3.94 1.96 22.15
N ASP B 146 4.28 1.04 21.26
CA ASP B 146 5.06 1.43 20.09
C ASP B 146 4.59 0.88 18.74
N SER B 147 4.85 -0.40 18.49
CA SER B 147 4.52 -1.02 17.20
C SER B 147 3.11 -0.84 16.64
N SER B 148 2.09 -0.89 17.49
CA SER B 148 0.70 -0.76 17.03
C SER B 148 0.27 0.69 16.74
N ILE B 149 1.00 1.66 17.30
CA ILE B 149 0.70 3.08 17.10
C ILE B 149 1.55 3.58 15.93
N GLY B 150 0.92 4.12 14.89
CA GLY B 150 1.72 4.62 13.79
C GLY B 150 1.35 4.22 12.37
N GLY B 151 0.83 3.02 12.19
CA GLY B 151 0.44 2.61 10.85
C GLY B 151 1.52 1.95 10.00
N LYS B 152 2.71 1.75 10.57
CA LYS B 152 3.79 1.10 9.81
C LYS B 152 3.58 -0.39 9.81
N THR B 153 3.47 -0.97 8.60
CA THR B 153 3.26 -2.40 8.45
C THR B 153 4.23 -2.92 7.42
N ALA B 154 4.51 -4.22 7.48
CA ALA B 154 5.40 -4.86 6.52
C ALA B 154 5.73 -6.31 6.90
N ILE B 155 6.38 -6.99 5.96
CA ILE B 155 6.81 -8.36 6.14
C ILE B 155 8.32 -8.39 5.95
N ASP B 156 8.92 -9.54 6.21
CA ASP B 156 10.36 -9.67 6.04
C ASP B 156 10.69 -10.52 4.82
N THR B 157 11.92 -10.36 4.36
CA THR B 157 12.42 -11.09 3.20
C THR B 157 13.78 -11.65 3.63
N PRO B 158 14.27 -12.68 2.94
CA PRO B 158 15.57 -13.25 3.31
C PRO B 158 16.75 -12.28 3.21
N LEU B 159 16.47 -11.04 2.78
CA LEU B 159 17.52 -10.04 2.65
C LEU B 159 17.38 -8.95 3.70
N GLY B 160 16.45 -9.13 4.64
CA GLY B 160 16.27 -8.12 5.66
C GLY B 160 14.86 -7.98 6.22
N LYS B 161 14.74 -7.24 7.32
CA LYS B 161 13.47 -7.00 7.99
C LYS B 161 12.75 -5.74 7.49
N ASN B 162 11.42 -5.84 7.42
CA ASN B 162 10.55 -4.74 6.99
C ASN B 162 10.95 -4.12 5.65
N LEU B 163 11.33 -4.96 4.68
CA LEU B 163 11.73 -4.47 3.37
C LEU B 163 10.56 -4.19 2.42
N ILE B 164 9.47 -4.91 2.62
CA ILE B 164 8.29 -4.74 1.79
C ILE B 164 7.09 -4.56 2.70
N GLY B 165 6.40 -3.43 2.57
CA GLY B 165 5.26 -3.17 3.42
C GLY B 165 4.51 -1.90 3.06
N ALA B 166 3.75 -1.37 4.00
CA ALA B 166 2.99 -0.16 3.72
C ALA B 166 2.62 0.60 4.98
N ILE B 167 2.16 1.84 4.79
CA ILE B 167 1.72 2.67 5.88
C ILE B 167 0.19 2.75 5.79
N TRP B 168 -0.47 1.96 6.64
CA TRP B 168 -1.91 1.84 6.66
C TRP B 168 -2.40 2.00 8.10
N GLN B 169 -2.97 3.16 8.42
CA GLN B 169 -3.46 3.44 9.78
C GLN B 169 -4.62 2.53 10.19
N PRO B 170 -4.54 1.94 11.40
CA PRO B 170 -5.60 1.06 11.88
C PRO B 170 -6.80 1.92 12.28
N THR B 171 -8.01 1.40 12.08
CA THR B 171 -9.20 2.17 12.42
C THR B 171 -9.38 2.32 13.92
N LYS B 172 -8.94 1.31 14.66
CA LYS B 172 -9.04 1.28 16.11
C LYS B 172 -7.79 0.63 16.67
N ILE B 173 -7.44 0.98 17.89
CA ILE B 173 -6.29 0.38 18.55
C ILE B 173 -6.73 0.04 19.97
N TYR B 174 -7.11 -1.22 20.17
CA TYR B 174 -7.59 -1.67 21.46
C TYR B 174 -6.42 -2.09 22.33
N ILE B 175 -6.18 -1.31 23.38
CA ILE B 175 -5.10 -1.62 24.32
C ILE B 175 -5.72 -2.21 25.60
N ASP B 176 -5.82 -3.54 25.64
CA ASP B 176 -6.38 -4.22 26.80
C ASP B 176 -5.23 -4.66 27.68
N LEU B 177 -4.99 -3.95 28.78
CA LEU B 177 -3.88 -4.30 29.67
C LEU B 177 -3.93 -5.71 30.25
N GLU B 178 -5.05 -6.41 30.07
CA GLU B 178 -5.17 -7.77 30.58
C GLU B 178 -4.31 -8.76 29.82
N PHE B 179 -3.89 -8.38 28.61
CA PHE B 179 -3.04 -9.24 27.80
C PHE B 179 -1.69 -9.39 28.48
N LEU B 180 -1.35 -8.42 29.31
CA LEU B 180 -0.09 -8.45 30.02
C LEU B 180 -0.07 -9.44 31.18
N GLU B 181 -1.19 -10.11 31.43
CA GLU B 181 -1.27 -11.09 32.51
C GLU B 181 -0.65 -12.42 32.10
N THR B 182 -0.72 -12.71 30.80
CA THR B 182 -0.20 -13.95 30.26
C THR B 182 1.10 -13.76 29.45
N LEU B 183 1.43 -12.52 29.13
CA LEU B 183 2.63 -12.24 28.36
C LEU B 183 3.83 -12.73 29.13
N PRO B 184 4.72 -13.51 28.48
CA PRO B 184 5.92 -14.03 29.17
C PRO B 184 6.73 -12.91 29.83
N VAL B 185 7.24 -13.18 31.02
CA VAL B 185 8.02 -12.18 31.72
C VAL B 185 9.06 -11.49 30.86
N ARG B 186 9.88 -12.27 30.15
CA ARG B 186 10.91 -11.69 29.31
C ARG B 186 10.34 -10.67 28.33
N GLU B 187 9.23 -11.02 27.68
CA GLU B 187 8.59 -10.11 26.74
C GLU B 187 8.13 -8.82 27.41
N PHE B 188 7.55 -8.93 28.59
CA PHE B 188 7.11 -7.73 29.31
C PHE B 188 8.30 -6.80 29.52
N ILE B 189 9.38 -7.36 30.07
CA ILE B 189 10.60 -6.60 30.32
C ILE B 189 11.14 -5.96 29.04
N ASN B 190 11.03 -6.70 27.94
CA ASN B 190 11.51 -6.23 26.64
C ASN B 190 10.83 -4.93 26.27
N GLY B 191 9.50 -4.93 26.36
CA GLY B 191 8.74 -3.74 26.03
C GLY B 191 9.05 -2.57 26.94
N MET B 192 9.33 -2.84 28.22
CA MET B 192 9.63 -1.78 29.17
C MET B 192 10.75 -0.84 28.71
N ALA B 193 11.62 -1.35 27.84
CA ALA B 193 12.72 -0.53 27.34
C ALA B 193 12.22 0.72 26.65
N GLU B 194 11.27 0.55 25.73
CA GLU B 194 10.70 1.66 24.97
C GLU B 194 9.92 2.63 25.86
N VAL B 195 9.25 2.11 26.88
CA VAL B 195 8.49 2.95 27.80
C VAL B 195 9.47 3.91 28.51
N ILE B 196 10.54 3.34 29.06
CA ILE B 196 11.56 4.11 29.74
C ILE B 196 12.20 5.10 28.75
N LYS B 197 12.36 4.67 27.51
CA LYS B 197 12.95 5.51 26.47
C LYS B 197 12.07 6.75 26.25
N THR B 198 10.78 6.51 26.10
CA THR B 198 9.81 7.57 25.88
C THR B 198 9.90 8.63 26.98
N ALA B 199 9.83 8.18 28.24
CA ALA B 199 9.90 9.08 29.37
C ALA B 199 11.19 9.89 29.32
N ALA B 200 12.31 9.19 29.23
CA ALA B 200 13.63 9.80 29.21
C ALA B 200 13.81 10.91 28.18
N ILE B 201 12.96 10.95 27.16
CA ILE B 201 13.07 11.98 26.12
C ILE B 201 11.92 12.99 26.16
N SER B 202 11.08 12.91 27.19
CA SER B 202 9.96 13.82 27.24
C SER B 202 9.56 14.34 28.61
N SER B 203 9.63 13.49 29.64
CA SER B 203 9.22 13.91 30.97
C SER B 203 10.07 13.34 32.11
N GLU B 204 10.73 14.24 32.83
CA GLU B 204 11.55 13.84 33.97
C GLU B 204 10.59 13.28 35.00
N GLU B 205 9.39 13.87 35.06
CA GLU B 205 8.37 13.42 36.00
C GLU B 205 8.00 11.98 35.70
N GLU B 206 7.63 11.73 34.45
CA GLU B 206 7.23 10.39 34.01
C GLU B 206 8.37 9.41 34.24
N PHE B 207 9.60 9.86 34.02
CA PHE B 207 10.74 8.99 34.24
C PHE B 207 10.77 8.73 35.75
N THR B 208 10.65 9.79 36.54
CA THR B 208 10.68 9.68 38.01
C THR B 208 9.67 8.65 38.52
N ALA B 209 8.45 8.69 37.98
CA ALA B 209 7.42 7.75 38.39
C ALA B 209 7.87 6.33 38.04
N LEU B 210 8.48 6.16 36.87
CA LEU B 210 8.96 4.86 36.44
C LEU B 210 9.94 4.30 37.47
N GLU B 211 10.83 5.16 37.96
CA GLU B 211 11.81 4.76 38.96
C GLU B 211 11.10 4.30 40.24
N GLU B 212 10.03 5.00 40.59
CA GLU B 212 9.25 4.70 41.78
C GLU B 212 8.46 3.41 41.63
N ASN B 213 7.68 3.32 40.56
CA ASN B 213 6.84 2.16 40.29
C ASN B 213 7.56 0.87 39.92
N ALA B 214 8.86 0.96 39.64
CA ALA B 214 9.64 -0.22 39.26
C ALA B 214 9.42 -1.41 40.21
N GLU B 215 10.10 -1.41 41.35
CA GLU B 215 10.00 -2.48 42.33
C GLU B 215 8.61 -3.14 42.42
N THR B 216 7.54 -2.37 42.27
CA THR B 216 6.17 -2.90 42.34
C THR B 216 5.78 -3.66 41.08
N ILE B 217 5.90 -2.99 39.94
CA ILE B 217 5.56 -3.60 38.65
C ILE B 217 6.24 -4.96 38.53
N LEU B 218 7.56 -4.97 38.70
CA LEU B 218 8.33 -6.20 38.59
C LEU B 218 7.90 -7.30 39.56
N LYS B 219 7.31 -6.91 40.69
CA LYS B 219 6.85 -7.89 41.66
C LYS B 219 5.66 -8.63 41.06
N ALA B 220 4.72 -7.89 40.49
CA ALA B 220 3.55 -8.49 39.89
C ALA B 220 3.90 -9.29 38.64
N VAL B 221 4.82 -8.78 37.84
CA VAL B 221 5.22 -9.48 36.63
C VAL B 221 5.89 -10.81 36.96
N ARG B 222 6.76 -10.82 37.97
CA ARG B 222 7.50 -12.01 38.39
C ARG B 222 6.87 -12.85 39.50
N ARG B 223 5.56 -12.74 39.75
CA ARG B 223 4.98 -13.53 40.83
C ARG B 223 3.95 -14.56 40.40
N GLU B 224 3.75 -15.58 41.23
CA GLU B 224 2.77 -16.63 40.97
C GLU B 224 1.39 -16.07 41.27
N VAL B 225 0.47 -16.20 40.32
CA VAL B 225 -0.87 -15.70 40.54
C VAL B 225 -1.85 -16.86 40.69
N THR B 226 -2.21 -17.18 41.95
CA THR B 226 -3.14 -18.27 42.23
C THR B 226 -4.39 -18.07 41.39
N PRO B 227 -5.10 -19.18 41.08
CA PRO B 227 -6.31 -19.08 40.28
C PRO B 227 -7.32 -18.00 40.67
N GLY B 228 -7.88 -17.35 39.65
CA GLY B 228 -8.90 -16.34 39.86
C GLY B 228 -8.45 -14.92 40.14
N GLU B 229 -7.17 -14.74 40.42
CA GLU B 229 -6.67 -13.40 40.73
C GLU B 229 -5.96 -12.74 39.56
N HIS B 230 -6.24 -11.46 39.36
CA HIS B 230 -5.59 -10.71 38.30
C HIS B 230 -4.15 -10.48 38.74
N ARG B 231 -3.23 -10.64 37.80
CA ARG B 231 -1.82 -10.48 38.06
C ARG B 231 -1.47 -9.15 38.69
N PHE B 232 -2.12 -8.08 38.24
CA PHE B 232 -1.85 -6.75 38.76
C PHE B 232 -2.98 -6.26 39.66
N GLU B 233 -3.33 -7.10 40.63
CA GLU B 233 -4.40 -6.81 41.58
C GLU B 233 -4.48 -5.37 42.08
N GLY B 234 -3.52 -4.96 42.91
CA GLY B 234 -3.57 -3.61 43.44
C GLY B 234 -2.88 -2.52 42.65
N THR B 235 -1.93 -2.92 41.82
CA THR B 235 -1.16 -1.98 41.01
C THR B 235 -1.87 -1.53 39.73
N GLU B 236 -3.06 -2.06 39.49
CA GLU B 236 -3.81 -1.72 38.28
C GLU B 236 -3.70 -0.29 37.77
N GLU B 237 -4.01 0.69 38.60
CA GLU B 237 -3.94 2.07 38.14
C GLU B 237 -2.54 2.54 37.80
N ILE B 238 -1.57 2.13 38.62
CA ILE B 238 -0.18 2.50 38.38
C ILE B 238 0.27 2.03 36.99
N LEU B 239 0.01 0.76 36.68
CA LEU B 239 0.39 0.19 35.40
C LEU B 239 -0.20 0.95 34.23
N LYS B 240 -1.50 1.16 34.27
CA LYS B 240 -2.22 1.89 33.21
C LYS B 240 -1.60 3.27 32.97
N ALA B 241 -1.25 3.95 34.06
CA ALA B 241 -0.67 5.28 33.95
C ALA B 241 0.69 5.22 33.24
N ARG B 242 1.58 4.37 33.72
CA ARG B 242 2.92 4.22 33.15
C ARG B 242 2.93 3.78 31.69
N ILE B 243 2.08 2.81 31.37
CA ILE B 243 2.00 2.28 30.01
C ILE B 243 1.37 3.24 29.02
N LEU B 244 0.24 3.81 29.37
CA LEU B 244 -0.44 4.72 28.48
C LEU B 244 0.36 6.00 28.26
N ALA B 245 1.21 6.34 29.22
CA ALA B 245 2.03 7.55 29.08
C ALA B 245 2.89 7.39 27.84
N SER B 246 3.47 6.20 27.68
CA SER B 246 4.31 5.91 26.54
C SER B 246 3.49 5.92 25.25
N ALA B 247 2.41 5.13 25.25
CA ALA B 247 1.52 5.05 24.11
C ALA B 247 1.09 6.45 23.67
N ARG B 248 0.73 7.27 24.66
CA ARG B 248 0.29 8.62 24.41
C ARG B 248 1.36 9.40 23.67
N HIS B 249 2.60 9.30 24.13
CA HIS B 249 3.69 10.01 23.48
C HIS B 249 3.85 9.54 22.04
N LYS B 250 3.90 8.22 21.84
CA LYS B 250 4.03 7.69 20.49
C LYS B 250 2.93 8.30 19.63
N ALA B 251 1.70 8.28 20.15
CA ALA B 251 0.56 8.84 19.43
C ALA B 251 0.79 10.32 19.11
N TYR B 252 1.39 11.04 20.06
CA TYR B 252 1.66 12.46 19.89
C TYR B 252 2.64 12.70 18.75
N VAL B 253 3.79 12.05 18.81
CA VAL B 253 4.82 12.19 17.78
C VAL B 253 4.24 11.83 16.41
N VAL B 254 3.55 10.70 16.33
CA VAL B 254 2.96 10.23 15.09
C VAL B 254 1.97 11.20 14.47
N SER B 255 1.37 12.06 15.28
CA SER B 255 0.38 13.02 14.79
C SER B 255 0.92 14.42 14.53
N ALA B 256 2.19 14.62 14.90
CA ALA B 256 2.87 15.91 14.79
C ALA B 256 3.12 16.56 13.44
N ASP B 257 2.26 16.33 12.45
CA ASP B 257 2.46 16.97 11.15
C ASP B 257 3.68 16.48 10.36
N GLY B 261 9.02 17.01 12.40
CA GLY B 261 10.04 16.17 11.69
C GLY B 261 11.00 15.44 12.62
N GLY B 262 11.89 16.20 13.26
CA GLY B 262 12.85 15.61 14.18
C GLY B 262 12.25 15.09 15.48
N LEU B 263 10.93 15.25 15.62
CA LEU B 263 10.24 14.78 16.82
C LEU B 263 10.15 13.26 16.76
N ARG B 264 10.17 12.74 15.54
CA ARG B 264 10.11 11.31 15.32
C ARG B 264 11.53 10.77 15.43
N ASN B 265 12.51 11.65 15.33
CA ASN B 265 13.90 11.22 15.47
C ASN B 265 14.19 10.88 16.92
N LEU B 266 13.58 11.63 17.83
CA LEU B 266 13.78 11.40 19.25
C LEU B 266 13.31 10.00 19.62
N LEU B 267 12.34 9.48 18.88
CA LEU B 267 11.84 8.15 19.19
C LEU B 267 12.92 7.13 18.91
N ASN B 268 14.03 7.61 18.37
CA ASN B 268 15.15 6.74 18.04
C ASN B 268 16.28 6.74 19.07
N TRP B 269 16.05 7.38 20.20
CA TRP B 269 17.07 7.42 21.23
C TRP B 269 17.44 6.00 21.62
N GLY B 270 18.74 5.76 21.74
CA GLY B 270 19.22 4.45 22.11
C GLY B 270 19.17 3.46 20.96
N HIS B 271 18.43 3.81 19.91
CA HIS B 271 18.30 2.93 18.75
C HIS B 271 19.50 2.95 17.79
N SER B 272 20.24 4.05 17.78
CA SER B 272 21.40 4.17 16.90
C SER B 272 22.38 3.07 17.24
N ILE B 273 22.86 3.07 18.49
CA ILE B 273 23.78 2.05 18.92
C ILE B 273 22.94 0.77 19.09
N GLY B 274 21.77 0.92 19.71
CA GLY B 274 20.90 -0.22 19.93
C GLY B 274 20.74 -1.13 18.72
N HIS B 275 20.43 -0.55 17.56
CA HIS B 275 20.25 -1.32 16.34
C HIS B 275 21.53 -2.05 15.94
N ALA B 276 22.67 -1.39 16.10
CA ALA B 276 23.95 -1.98 15.75
C ALA B 276 24.13 -3.28 16.54
N ILE B 277 23.88 -3.21 17.85
CA ILE B 277 24.02 -4.36 18.72
C ILE B 277 23.08 -5.49 18.31
N GLU B 278 21.84 -5.15 18.00
CA GLU B 278 20.87 -6.17 17.63
C GLU B 278 21.21 -6.88 16.32
N ALA B 279 21.78 -6.15 15.37
CA ALA B 279 22.14 -6.76 14.10
C ALA B 279 23.12 -7.91 14.34
N ILE B 280 23.90 -7.79 15.41
CA ILE B 280 24.88 -8.80 15.79
C ILE B 280 24.31 -9.88 16.71
N LEU B 281 23.58 -9.46 17.74
CA LEU B 281 23.05 -10.41 18.73
C LEU B 281 21.68 -11.02 18.47
N THR B 282 20.91 -10.49 17.53
CA THR B 282 19.61 -11.08 17.27
C THR B 282 19.93 -12.39 16.56
N PRO B 283 18.99 -13.37 16.60
CA PRO B 283 17.69 -13.32 17.29
C PRO B 283 17.76 -13.79 18.73
N GLN B 284 18.95 -14.10 19.23
CA GLN B 284 19.06 -14.56 20.61
C GLN B 284 18.63 -13.47 21.58
N ILE B 285 19.02 -12.24 21.29
CA ILE B 285 18.68 -11.10 22.14
C ILE B 285 17.55 -10.31 21.47
N LEU B 286 16.58 -9.89 22.28
CA LEU B 286 15.42 -9.14 21.81
C LEU B 286 15.66 -7.65 21.56
N HIS B 287 14.78 -7.06 20.77
CA HIS B 287 14.89 -5.65 20.42
C HIS B 287 15.04 -4.74 21.63
N GLY B 288 14.07 -4.80 22.54
CA GLY B 288 14.12 -3.98 23.74
C GLY B 288 15.42 -4.16 24.51
N GLU B 289 15.84 -5.41 24.67
CA GLU B 289 17.06 -5.71 25.40
C GLU B 289 18.27 -5.01 24.79
N CYS B 290 18.30 -4.93 23.45
CA CYS B 290 19.39 -4.25 22.75
C CYS B 290 19.27 -2.74 22.87
N VAL B 291 18.04 -2.23 22.79
CA VAL B 291 17.81 -0.80 22.91
C VAL B 291 18.23 -0.32 24.30
N ALA B 292 17.98 -1.15 25.31
CA ALA B 292 18.36 -0.81 26.67
C ALA B 292 19.85 -0.47 26.71
N ILE B 293 20.67 -1.39 26.19
CA ILE B 293 22.10 -1.18 26.16
C ILE B 293 22.42 0.02 25.27
N GLY B 294 21.56 0.24 24.27
CA GLY B 294 21.74 1.35 23.35
C GLY B 294 21.55 2.68 24.07
N MET B 295 20.53 2.74 24.93
CA MET B 295 20.27 3.95 25.69
C MET B 295 21.42 4.21 26.63
N VAL B 296 21.85 3.16 27.32
CA VAL B 296 22.96 3.28 28.24
C VAL B 296 24.19 3.90 27.58
N LYS B 297 24.50 3.43 26.37
CA LYS B 297 25.66 3.92 25.66
C LYS B 297 25.48 5.29 25.07
N GLU B 298 24.34 5.53 24.44
CA GLU B 298 24.10 6.84 23.86
C GLU B 298 24.09 7.90 24.96
N ALA B 299 23.69 7.50 26.16
CA ALA B 299 23.68 8.41 27.29
C ALA B 299 25.14 8.67 27.64
N GLU B 300 25.95 7.62 27.65
CA GLU B 300 27.37 7.72 27.93
C GLU B 300 28.05 8.61 26.90
N LEU B 301 27.57 8.54 25.67
CA LEU B 301 28.11 9.36 24.59
C LEU B 301 27.76 10.82 24.88
N ALA B 302 26.53 11.05 25.33
CA ALA B 302 26.09 12.41 25.64
C ALA B 302 26.96 12.97 26.75
N ARG B 303 27.27 12.12 27.73
CA ARG B 303 28.11 12.55 28.85
C ARG B 303 29.49 12.89 28.34
N HIS B 304 30.06 11.97 27.57
CA HIS B 304 31.39 12.15 26.99
C HIS B 304 31.49 13.48 26.24
N LEU B 305 30.48 13.78 25.43
CA LEU B 305 30.46 15.01 24.66
C LEU B 305 30.17 16.24 25.51
N GLY B 306 30.03 16.02 26.82
CA GLY B 306 29.76 17.11 27.75
C GLY B 306 28.34 17.63 27.75
N ILE B 307 27.42 16.87 27.17
CA ILE B 307 26.02 17.29 27.09
C ILE B 307 25.15 16.71 28.21
N LEU B 308 25.54 15.55 28.73
CA LEU B 308 24.78 14.91 29.80
C LEU B 308 25.61 14.75 31.07
N LYS B 309 24.99 14.99 32.22
CA LYS B 309 25.69 14.89 33.49
C LYS B 309 25.83 13.45 33.97
N GLY B 310 26.85 13.21 34.80
CA GLY B 310 27.09 11.88 35.32
C GLY B 310 25.90 11.33 36.07
N VAL B 311 25.30 12.15 36.92
CA VAL B 311 24.14 11.75 37.71
C VAL B 311 23.01 11.26 36.82
N ALA B 312 22.79 11.98 35.71
CA ALA B 312 21.74 11.65 34.76
C ALA B 312 21.95 10.27 34.17
N VAL B 313 23.16 10.02 33.65
CA VAL B 313 23.50 8.73 33.05
C VAL B 313 23.22 7.56 33.99
N SER B 314 23.59 7.72 35.26
CA SER B 314 23.38 6.70 36.28
C SER B 314 21.92 6.30 36.39
N ARG B 315 21.04 7.29 36.57
CA ARG B 315 19.61 7.04 36.70
C ARG B 315 19.06 6.21 35.55
N ILE B 316 19.60 6.44 34.35
CA ILE B 316 19.20 5.70 33.17
C ILE B 316 19.51 4.23 33.40
N VAL B 317 20.77 3.95 33.70
CA VAL B 317 21.23 2.60 33.96
C VAL B 317 20.39 1.97 35.07
N LYS B 318 20.33 2.66 36.20
CA LYS B 318 19.58 2.21 37.38
C LYS B 318 18.13 1.90 37.05
N CYS B 319 17.48 2.80 36.34
CA CYS B 319 16.10 2.61 35.97
C CYS B 319 15.86 1.43 35.04
N LEU B 320 16.79 1.18 34.12
CA LEU B 320 16.66 0.06 33.20
C LEU B 320 16.84 -1.23 34.00
N ALA B 321 17.89 -1.28 34.81
CA ALA B 321 18.15 -2.45 35.64
C ALA B 321 16.93 -2.75 36.50
N ALA B 322 16.43 -1.72 37.16
CA ALA B 322 15.26 -1.82 38.03
C ALA B 322 14.13 -2.59 37.37
N TYR B 323 14.06 -2.52 36.05
CA TYR B 323 12.99 -3.22 35.34
C TYR B 323 13.41 -4.57 34.75
N GLY B 324 14.66 -4.95 34.99
CA GLY B 324 15.15 -6.23 34.49
C GLY B 324 15.79 -6.19 33.12
N LEU B 325 16.11 -4.98 32.66
CA LEU B 325 16.73 -4.82 31.36
C LEU B 325 18.24 -4.78 31.46
N PRO B 326 18.92 -5.34 30.45
CA PRO B 326 20.39 -5.37 30.44
C PRO B 326 20.96 -3.97 30.21
N THR B 327 22.05 -3.66 30.89
CA THR B 327 22.66 -2.35 30.74
C THR B 327 24.04 -2.40 30.08
N SER B 328 24.56 -3.59 29.88
CA SER B 328 25.87 -3.73 29.24
C SER B 328 25.94 -5.06 28.49
N LEU B 329 26.80 -5.13 27.49
CA LEU B 329 26.95 -6.35 26.70
C LEU B 329 27.51 -7.51 27.52
N LYS B 330 28.13 -7.19 28.65
CA LYS B 330 28.73 -8.21 29.51
C LYS B 330 27.75 -8.79 30.52
N ASP B 331 26.49 -8.38 30.43
CA ASP B 331 25.47 -8.90 31.33
C ASP B 331 25.47 -10.42 31.16
N ALA B 332 25.43 -11.14 32.28
CA ALA B 332 25.45 -12.60 32.27
C ALA B 332 24.35 -13.29 31.47
N ARG B 333 23.10 -12.85 31.64
CA ARG B 333 21.97 -13.45 30.91
C ARG B 333 22.23 -13.43 29.40
N ILE B 334 22.74 -12.31 28.91
CA ILE B 334 23.06 -12.18 27.50
C ILE B 334 24.18 -13.16 27.20
N ARG B 335 25.32 -12.95 27.84
CA ARG B 335 26.47 -13.81 27.67
C ARG B 335 26.05 -15.26 27.48
N LYS B 336 25.11 -15.71 28.30
CA LYS B 336 24.65 -17.09 28.22
C LYS B 336 23.89 -17.37 26.95
N LEU B 337 22.88 -16.54 26.67
CA LEU B 337 22.06 -16.69 25.48
C LEU B 337 22.80 -16.55 24.16
N THR B 338 24.01 -15.99 24.19
CA THR B 338 24.78 -15.82 22.96
C THR B 338 26.13 -16.54 22.99
N ALA B 339 26.26 -17.50 23.89
CA ALA B 339 27.50 -18.28 24.04
C ALA B 339 28.70 -17.36 24.12
N GLY B 340 28.47 -16.12 24.55
CA GLY B 340 29.55 -15.16 24.65
C GLY B 340 29.96 -14.55 23.31
N LYS B 341 28.98 -14.34 22.43
CA LYS B 341 29.26 -13.75 21.12
C LYS B 341 29.88 -12.39 21.36
N HIS B 342 30.87 -12.05 20.55
CA HIS B 342 31.56 -10.79 20.71
C HIS B 342 31.08 -9.73 19.73
N CYS B 343 31.06 -8.48 20.17
CA CYS B 343 30.65 -7.36 19.33
C CYS B 343 31.82 -6.41 19.21
N SER B 344 32.55 -6.51 18.10
CA SER B 344 33.70 -5.63 17.91
C SER B 344 33.23 -4.22 17.69
N VAL B 345 34.00 -3.24 18.15
CA VAL B 345 33.59 -1.87 17.92
C VAL B 345 33.50 -1.73 16.41
N ASP B 346 34.47 -2.33 15.70
CA ASP B 346 34.48 -2.28 14.25
C ASP B 346 33.15 -2.76 13.70
N GLN B 347 32.70 -3.94 14.14
CA GLN B 347 31.43 -4.51 13.69
C GLN B 347 30.23 -3.60 13.96
N LEU B 348 30.17 -3.05 15.18
CA LEU B 348 29.10 -2.14 15.58
C LEU B 348 29.09 -0.87 14.76
N MET B 349 30.27 -0.31 14.51
CA MET B 349 30.39 0.90 13.71
C MET B 349 29.96 0.65 12.27
N PHE B 350 30.18 -0.58 11.80
CA PHE B 350 29.81 -0.94 10.44
C PHE B 350 28.30 -1.11 10.34
N ASN B 351 27.72 -1.82 11.29
CA ASN B 351 26.28 -2.03 11.30
C ASN B 351 25.56 -0.70 11.40
N MET B 352 26.23 0.27 12.01
CA MET B 352 25.66 1.60 12.17
C MET B 352 25.71 2.39 10.88
N ALA B 353 26.54 1.93 9.95
CA ALA B 353 26.66 2.60 8.66
C ALA B 353 25.60 2.07 7.71
N LEU B 354 25.29 0.78 7.82
CA LEU B 354 24.27 0.16 6.95
C LEU B 354 23.01 1.00 7.00
N ASP B 355 23.05 2.03 7.84
CA ASP B 355 21.94 2.96 7.99
C ASP B 355 22.24 4.20 7.16
N LYS B 356 22.23 4.05 5.84
CA LYS B 356 22.48 5.12 4.89
C LYS B 356 23.23 6.31 5.50
N GLY B 360 29.48 7.62 6.40
CA GLY B 360 30.40 8.80 6.28
C GLY B 360 31.36 8.99 7.45
N PRO B 361 31.73 10.24 7.78
CA PRO B 361 32.65 10.56 8.88
C PRO B 361 31.92 10.76 10.20
N LYS B 362 30.60 10.88 10.12
CA LYS B 362 29.79 11.09 11.32
C LYS B 362 28.52 10.27 11.28
N LYS B 363 27.97 10.02 12.46
CA LYS B 363 26.72 9.29 12.62
C LYS B 363 25.76 10.23 13.32
N LYS B 364 24.48 10.12 13.03
CA LYS B 364 23.47 10.97 13.66
C LYS B 364 22.89 10.21 14.84
N ILE B 365 22.91 10.84 16.01
CA ILE B 365 22.41 10.21 17.22
C ILE B 365 21.63 11.17 18.09
N VAL B 366 20.64 10.62 18.80
CA VAL B 366 19.81 11.40 19.68
C VAL B 366 20.55 11.61 20.99
N LEU B 367 20.87 12.86 21.31
CA LEU B 367 21.56 13.16 22.55
C LEU B 367 20.63 13.81 23.56
N LEU B 368 20.86 13.52 24.84
CA LEU B 368 20.06 14.10 25.90
C LEU B 368 20.93 15.04 26.72
N SER B 369 20.40 16.22 27.01
CA SER B 369 21.14 17.20 27.81
C SER B 369 20.76 16.96 29.25
N ALA B 370 19.69 16.21 29.44
CA ALA B 370 19.20 15.85 30.78
C ALA B 370 17.99 14.95 30.62
N ILE B 371 17.69 14.17 31.65
CA ILE B 371 16.55 13.28 31.59
C ILE B 371 15.27 14.06 31.28
N GLY B 372 14.60 13.68 30.21
CA GLY B 372 13.38 14.35 29.83
C GLY B 372 13.62 15.50 28.87
N THR B 373 14.87 15.92 28.75
CA THR B 373 15.21 17.05 27.88
C THR B 373 16.23 16.71 26.80
N PRO B 374 15.78 16.61 25.55
CA PRO B 374 16.67 16.30 24.42
C PRO B 374 17.60 17.47 24.14
N TYR B 375 18.84 17.18 23.77
CA TYR B 375 19.81 18.22 23.47
C TYR B 375 19.28 19.12 22.35
N GLU B 376 19.07 18.52 21.19
CA GLU B 376 18.53 19.22 20.02
C GLU B 376 17.13 18.65 19.80
N THR B 377 16.33 19.34 19.00
CA THR B 377 14.98 18.85 18.71
C THR B 377 15.04 17.88 17.55
N ARG B 378 16.16 17.14 17.47
CA ARG B 378 16.39 16.13 16.44
C ARG B 378 17.68 15.37 16.74
N ALA B 379 18.04 14.43 15.87
CA ALA B 379 19.27 13.65 16.05
C ALA B 379 20.49 14.53 15.76
N SER B 380 21.34 14.71 16.75
CA SER B 380 22.53 15.54 16.63
C SER B 380 23.61 14.82 15.84
N VAL B 381 24.43 15.59 15.12
CA VAL B 381 25.52 15.04 14.34
C VAL B 381 26.69 14.75 15.26
N VAL B 382 27.19 13.51 15.22
CA VAL B 382 28.31 13.10 16.05
C VAL B 382 29.41 12.42 15.24
N ALA B 383 30.66 12.68 15.63
CA ALA B 383 31.81 12.13 14.94
C ALA B 383 32.08 10.67 15.31
N ASN B 384 32.54 9.90 14.33
CA ASN B 384 32.82 8.49 14.56
C ASN B 384 33.74 8.23 15.77
N GLU B 385 34.88 8.91 15.80
CA GLU B 385 35.82 8.70 16.90
C GLU B 385 35.15 8.86 18.26
N ASP B 386 34.26 9.83 18.37
CA ASP B 386 33.58 10.06 19.65
C ASP B 386 32.63 8.92 19.97
N ILE B 387 32.12 8.24 18.95
CA ILE B 387 31.21 7.12 19.18
C ILE B 387 32.01 5.91 19.61
N ARG B 388 33.10 5.64 18.88
CA ARG B 388 33.97 4.52 19.16
C ARG B 388 34.51 4.47 20.60
N VAL B 389 34.57 5.62 21.26
CA VAL B 389 35.08 5.68 22.63
C VAL B 389 34.19 5.02 23.66
N VAL B 390 32.88 5.17 23.53
CA VAL B 390 31.95 4.57 24.49
C VAL B 390 31.81 3.07 24.27
N LEU B 391 32.07 2.64 23.05
CA LEU B 391 31.97 1.22 22.71
C LEU B 391 33.18 0.41 23.20
N ALA B 392 34.31 1.09 23.38
CA ALA B 392 35.53 0.43 23.87
C ALA B 392 35.46 0.21 25.38
#